data_7JKS
#
_entry.id   7JKS
#
_cell.length_a   108.920
_cell.length_b   188.330
_cell.length_c   45.900
_cell.angle_alpha   90.000
_cell.angle_beta   90.000
_cell.angle_gamma   90.000
#
_symmetry.space_group_name_H-M   'P 21 21 2'
#
loop_
_entity.id
_entity.type
_entity.pdbx_description
1 polymer 'HIV-1 gp120 core'
2 polymer 'The heavy chain of antibody 2411a'
3 polymer 'The light chain of antibody 2411a'
4 branched beta-D-mannopyranose-(1-4)-2-acetamido-2-deoxy-beta-D-glucopyranose-(1-4)-2-acetamido-2-deoxy-beta-D-glucopyranose
5 non-polymer 2-acetamido-2-deoxy-beta-D-glucopyranose
6 water water
#
loop_
_entity_poly.entity_id
_entity_poly.type
_entity_poly.pdbx_seq_one_letter_code
_entity_poly.pdbx_strand_id
1 'polypeptide(L)'
;VWKEATATLFCASDAKAYETEVHNVWATHACVPTDPNPQEVVLENVTENFNMWKNNMVEQMHEDIISLWDQSLKPCVKLT
GGSVITQACPKISFEPIPIHYCAPAGFAILKCNDKKFNGTGPCTNVSTVQCTHGIRPVVSTQLLLNGSLAEEEIVIRSEN
ITDNAKIIIVQLNETVEINCTRPNNGGSGSGGDIRQAHCNISKAKWENTLKQIARKLREHFKNETIAFNQSSGGDPEIVM
HSFNCGGEFFYCNSTQLFNSTWTWNDTEVVNNTEKNINITLPCRIKQIINMWQEVGKAMYAPPIKGQIRCSSNITGLLLT
RDGGSSTNGTTETFRPGGGDMRDNWRSELYKYKVVKIEGSLEVLFQGPGHHHHHH
;
G
2 'polypeptide(L)'
;QVQLVQSGAEMKKPGASVRVSCEASGYTFTDYVLHWMRQAPGQGIEWLGWIKPRYGAVNYAHKFQGRVSMTRDTSIDTAY
LELINLRSDDTAIYYCARSFDSDYEWWFTYWGQGTLVSVSSASTTPPSVYPLAPGSAAQTNSMVTLGCLVKGYFPEPVTV
TWNSGSLSSGVHTFPAVLQSDLYTLSSSVTVPSSTWPSETVTCNVAHPASSTKVDKKIVPRDCDKGLEVLFQ
;
H
3 'polypeptide(L)'
;EIVLTQSPGTLSLSPGERATLSCRASYFISRDYLAWYQQRPGQAPKLLIYGTTTRASGIPDRFSGSGSGTDFTLTISRLE
PEDFAVYYCQQYEFFGLGTKVEIKRTDAAPTVSIFPPSSEQLTSGGASVVCFLNNFYPKDINVKWKIDGSERQNGVLNSW
TDQDSKDSTYSMSSTLTLTKDEYERHNSYTCEATHKTSTSPIVKSFNRNEC
;
L
#
# COMPACT_ATOMS: atom_id res chain seq x y z
N TRP A 2 -4.55 -21.51 33.43
CA TRP A 2 -4.75 -21.36 31.99
C TRP A 2 -3.97 -20.17 31.45
N LYS A 3 -2.84 -20.46 30.83
CA LYS A 3 -1.88 -19.41 30.53
C LYS A 3 -0.72 -20.00 29.73
N GLU A 4 -0.29 -19.25 28.73
CA GLU A 4 0.93 -19.49 27.98
C GLU A 4 2.12 -18.90 28.70
N ALA A 5 2.96 -19.74 29.31
CA ALA A 5 4.07 -19.22 30.08
C ALA A 5 5.30 -19.73 29.35
N THR A 6 6.34 -18.92 29.38
CA THR A 6 7.62 -19.29 28.77
C THR A 6 8.54 -20.11 29.66
N ALA A 7 8.60 -21.41 29.38
CA ALA A 7 9.55 -22.31 30.01
C ALA A 7 10.65 -22.56 29.01
N THR A 8 11.81 -22.97 29.47
CA THR A 8 12.84 -23.37 28.51
C THR A 8 12.55 -24.81 28.16
N LEU A 9 12.11 -25.06 26.93
CA LEU A 9 11.86 -26.45 26.58
C LEU A 9 13.19 -27.16 26.41
N PHE A 10 13.14 -28.48 26.45
CA PHE A 10 14.27 -29.28 26.00
C PHE A 10 13.81 -30.23 24.90
N CYS A 11 14.76 -30.75 24.15
CA CYS A 11 14.40 -31.64 23.06
C CYS A 11 14.79 -33.07 23.40
N ALA A 12 14.11 -33.98 22.75
CA ALA A 12 14.39 -35.39 22.89
C ALA A 12 14.32 -36.03 21.52
N SER A 13 15.14 -37.06 21.31
CA SER A 13 15.18 -37.74 20.03
C SER A 13 15.76 -39.13 20.27
N ASP A 14 15.59 -39.98 19.26
CA ASP A 14 16.25 -41.28 19.16
C ASP A 14 17.47 -41.24 18.24
N ALA A 15 18.26 -40.15 18.26
CA ALA A 15 19.45 -40.10 17.41
C ALA A 15 20.34 -41.32 17.63
N LYS A 16 20.94 -41.78 16.54
CA LYS A 16 21.80 -42.95 16.52
C LYS A 16 23.27 -42.51 16.50
N ALA A 17 24.04 -42.96 17.50
CA ALA A 17 25.45 -42.63 17.54
C ALA A 17 26.25 -43.17 16.36
N TYR A 18 25.74 -44.18 15.65
CA TYR A 18 26.47 -44.80 14.54
C TYR A 18 26.05 -44.24 13.19
N GLU A 19 25.54 -43.02 13.17
CA GLU A 19 25.09 -42.35 11.96
C GLU A 19 25.96 -41.12 11.80
N THR A 20 26.27 -40.77 10.56
CA THR A 20 27.03 -39.57 10.26
C THR A 20 26.17 -38.33 10.02
N GLU A 21 24.88 -38.52 9.73
CA GLU A 21 23.95 -37.42 9.52
C GLU A 21 23.98 -36.42 10.69
N VAL A 22 23.94 -35.13 10.34
CA VAL A 22 24.34 -34.05 11.25
C VAL A 22 23.26 -33.79 12.29
N HIS A 23 22.00 -34.06 11.94
CA HIS A 23 20.92 -33.95 12.92
C HIS A 23 21.12 -34.97 14.03
N ASN A 24 21.61 -36.16 13.70
CA ASN A 24 21.89 -37.14 14.74
C ASN A 24 22.96 -36.62 15.69
N VAL A 25 24.04 -36.04 15.18
CA VAL A 25 25.11 -35.54 16.04
C VAL A 25 24.58 -34.45 16.98
N TRP A 26 23.86 -33.49 16.39
CA TRP A 26 23.31 -32.42 17.20
C TRP A 26 22.37 -32.96 18.26
N ALA A 27 21.39 -33.79 17.88
CA ALA A 27 20.43 -34.24 18.87
C ALA A 27 21.08 -35.16 19.90
N THR A 28 22.19 -35.80 19.52
CA THR A 28 22.89 -36.68 20.45
C THR A 28 23.50 -35.87 21.57
N HIS A 29 24.18 -34.78 21.21
CA HIS A 29 24.80 -33.92 22.22
C HIS A 29 23.78 -33.05 22.95
N ALA A 30 22.70 -32.65 22.29
CA ALA A 30 21.81 -31.60 22.77
C ALA A 30 20.46 -32.10 23.26
N CYS A 31 20.12 -33.36 23.02
CA CYS A 31 18.82 -33.90 23.40
C CYS A 31 19.02 -35.20 24.19
N VAL A 32 17.94 -35.68 24.80
CA VAL A 32 17.96 -36.98 25.49
C VAL A 32 17.07 -37.97 24.73
N PRO A 33 17.10 -39.27 25.05
CA PRO A 33 16.23 -40.21 24.33
C PRO A 33 14.74 -40.04 24.64
N THR A 34 13.93 -40.49 23.68
CA THR A 34 12.47 -40.42 23.75
C THR A 34 11.91 -41.37 24.82
N ASP A 35 10.78 -40.98 25.38
CA ASP A 35 10.07 -41.84 26.32
C ASP A 35 9.59 -43.12 25.65
N PRO A 36 10.00 -44.30 26.12
CA PRO A 36 9.53 -45.54 25.49
C PRO A 36 8.04 -45.75 25.65
N ASN A 37 7.47 -45.32 26.78
CA ASN A 37 6.05 -45.45 27.08
C ASN A 37 5.50 -44.05 27.37
N PRO A 38 5.20 -43.27 26.33
CA PRO A 38 4.68 -41.91 26.52
C PRO A 38 3.21 -41.91 26.90
N GLN A 39 2.88 -41.20 27.97
CA GLN A 39 1.53 -41.14 28.53
C GLN A 39 0.86 -39.84 28.13
N GLU A 40 -0.35 -39.96 27.59
CA GLU A 40 -1.23 -38.86 27.21
C GLU A 40 -2.47 -38.81 28.09
N VAL A 41 -2.86 -37.62 28.50
CA VAL A 41 -3.99 -37.47 29.41
C VAL A 41 -5.03 -36.55 28.78
N VAL A 42 -6.26 -37.02 28.70
CA VAL A 42 -7.36 -36.24 28.14
C VAL A 42 -7.85 -35.31 29.23
N LEU A 43 -8.31 -34.10 28.89
CA LEU A 43 -8.70 -33.17 29.94
C LEU A 43 -10.21 -32.97 29.98
N GLU A 44 -10.61 -32.17 30.97
CA GLU A 44 -11.98 -31.90 31.41
C GLU A 44 -12.90 -31.26 30.38
N ASN A 45 -12.62 -31.45 29.09
CA ASN A 45 -13.50 -30.95 28.04
C ASN A 45 -13.38 -29.44 28.10
N VAL A 46 -12.14 -28.98 28.03
CA VAL A 46 -11.86 -27.55 28.03
C VAL A 46 -11.98 -27.00 26.61
N THR A 47 -12.33 -25.70 26.56
CA THR A 47 -12.38 -24.89 25.35
C THR A 47 -11.17 -23.93 25.33
N GLU A 48 -10.00 -24.45 25.71
CA GLU A 48 -8.82 -23.59 25.82
C GLU A 48 -8.57 -22.93 24.47
N ASN A 49 -8.22 -21.66 24.51
CA ASN A 49 -7.84 -20.94 23.32
C ASN A 49 -6.42 -21.27 22.93
N PHE A 50 -6.25 -21.47 21.64
CA PHE A 50 -4.94 -21.66 21.07
C PHE A 50 -4.77 -20.56 20.03
N ASN A 51 -3.53 -20.21 19.78
CA ASN A 51 -3.23 -19.20 18.77
C ASN A 51 -1.89 -19.62 18.20
N MET A 52 -1.93 -20.33 17.07
CA MET A 52 -0.70 -20.83 16.48
C MET A 52 0.23 -19.70 16.07
N TRP A 53 -0.30 -18.49 15.91
CA TRP A 53 0.46 -17.34 15.44
C TRP A 53 1.15 -16.63 16.59
N LYS A 54 0.78 -16.95 17.81
CA LYS A 54 1.41 -16.45 19.02
C LYS A 54 1.72 -17.67 19.89
N ASN A 55 2.72 -18.43 19.46
CA ASN A 55 3.11 -19.69 20.08
C ASN A 55 4.61 -19.61 20.25
N ASN A 56 5.05 -19.50 21.50
CA ASN A 56 6.44 -19.30 21.83
C ASN A 56 7.33 -20.49 21.49
N MET A 57 6.74 -21.68 21.31
CA MET A 57 7.50 -22.84 20.88
C MET A 57 8.19 -22.61 19.56
N VAL A 58 7.57 -21.83 18.67
CA VAL A 58 8.18 -21.65 17.37
C VAL A 58 9.50 -20.91 17.50
N GLU A 59 9.57 -19.89 18.35
CA GLU A 59 10.84 -19.18 18.42
C GLU A 59 11.91 -20.10 18.97
N GLN A 60 11.55 -20.93 19.95
CA GLN A 60 12.55 -21.82 20.51
C GLN A 60 12.97 -22.87 19.50
N MET A 61 12.00 -23.45 18.79
CA MET A 61 12.36 -24.43 17.78
C MET A 61 13.23 -23.78 16.72
N HIS A 62 12.84 -22.58 16.29
CA HIS A 62 13.63 -21.86 15.31
C HIS A 62 15.08 -21.75 15.76
N GLU A 63 15.30 -21.35 17.02
CA GLU A 63 16.66 -21.22 17.52
C GLU A 63 17.41 -22.52 17.43
N ASP A 64 16.72 -23.62 17.72
CA ASP A 64 17.37 -24.92 17.65
C ASP A 64 17.87 -25.16 16.25
N ILE A 65 17.02 -24.94 15.25
CA ILE A 65 17.47 -25.27 13.91
C ILE A 65 18.59 -24.35 13.51
N ILE A 66 18.51 -23.08 13.94
CA ILE A 66 19.64 -22.17 13.72
C ILE A 66 20.90 -22.75 14.32
N SER A 67 20.83 -23.13 15.60
CA SER A 67 22.01 -23.72 16.22
C SER A 67 22.46 -24.94 15.43
N LEU A 68 21.52 -25.83 15.11
CA LEU A 68 21.92 -27.00 14.34
C LEU A 68 22.61 -26.57 13.07
N TRP A 69 21.94 -25.71 12.31
CA TRP A 69 22.50 -25.29 11.04
C TRP A 69 23.83 -24.59 11.25
N ASP A 70 23.95 -23.81 12.34
CA ASP A 70 25.16 -23.02 12.50
C ASP A 70 26.36 -23.88 12.87
N GLN A 71 26.17 -25.01 13.56
CA GLN A 71 27.34 -25.84 13.84
C GLN A 71 27.48 -27.06 12.94
N SER A 72 26.52 -27.31 12.04
CA SER A 72 26.61 -28.49 11.18
C SER A 72 26.98 -28.12 9.75
N LEU A 73 26.41 -27.05 9.23
CA LEU A 73 26.62 -26.69 7.83
C LEU A 73 27.91 -25.90 7.73
N LYS A 74 28.59 -26.09 6.62
CA LYS A 74 29.93 -25.58 6.38
C LYS A 74 29.89 -24.77 5.10
N PRO A 75 29.28 -23.59 5.12
CA PRO A 75 29.35 -22.76 3.92
C PRO A 75 30.78 -22.28 3.74
N CYS A 76 31.20 -22.20 2.48
CA CYS A 76 32.54 -21.73 2.19
C CYS A 76 32.70 -20.27 2.58
N VAL A 77 31.68 -19.45 2.35
CA VAL A 77 31.79 -18.05 2.71
C VAL A 77 30.47 -17.58 3.32
N LYS A 78 30.58 -16.74 4.36
CA LYS A 78 29.43 -16.13 5.04
C LYS A 78 29.49 -14.61 5.05
N LEU A 79 28.43 -13.95 4.59
CA LEU A 79 28.39 -12.48 4.53
C LEU A 79 27.34 -12.01 5.53
N THR A 80 27.79 -11.37 6.61
CA THR A 80 26.92 -10.93 7.70
C THR A 80 27.38 -9.58 8.25
N GLY A 81 26.70 -8.51 7.84
CA GLY A 81 26.94 -7.17 8.36
C GLY A 81 28.37 -6.70 8.42
N GLY A 82 29.04 -6.51 7.28
CA GLY A 82 30.42 -6.06 7.33
C GLY A 82 31.43 -7.13 7.61
N SER A 83 31.00 -8.40 7.68
CA SER A 83 31.88 -9.53 7.91
C SER A 83 31.65 -10.58 6.84
N VAL A 84 32.72 -11.23 6.41
CA VAL A 84 32.66 -12.32 5.44
C VAL A 84 33.66 -13.37 5.90
N ILE A 85 33.17 -14.55 6.28
CA ILE A 85 33.97 -15.59 6.93
C ILE A 85 34.10 -16.80 6.03
N THR A 86 35.34 -17.14 5.70
CA THR A 86 35.69 -18.30 4.90
C THR A 86 36.28 -19.38 5.81
N GLN A 87 35.80 -20.60 5.60
CA GLN A 87 36.24 -21.76 6.36
C GLN A 87 36.14 -22.96 5.43
N ALA A 88 36.76 -24.05 5.86
CA ALA A 88 36.61 -25.31 5.12
C ALA A 88 35.14 -25.69 5.06
N CYS A 89 34.75 -26.25 3.92
CA CYS A 89 33.35 -26.53 3.59
C CYS A 89 33.25 -27.91 2.99
N PRO A 90 33.55 -28.96 3.76
CA PRO A 90 33.36 -30.32 3.26
C PRO A 90 31.89 -30.68 3.12
N LYS A 91 31.63 -31.68 2.28
CA LYS A 91 30.27 -32.17 2.14
C LYS A 91 29.86 -32.91 3.41
N ILE A 92 28.57 -32.81 3.73
CA ILE A 92 28.00 -33.50 4.88
C ILE A 92 26.98 -34.54 4.41
N SER A 93 26.58 -35.41 5.32
CA SER A 93 25.45 -36.30 5.15
C SER A 93 24.28 -35.66 5.88
N PHE A 94 23.18 -35.46 5.16
CA PHE A 94 22.09 -34.60 5.63
C PHE A 94 20.76 -35.27 5.33
N GLU A 95 20.04 -35.64 6.39
CA GLU A 95 18.69 -36.15 6.33
C GLU A 95 17.95 -35.95 7.65
N PRO A 96 17.03 -34.99 7.73
CA PRO A 96 16.37 -34.64 9.00
C PRO A 96 15.86 -35.84 9.79
N ILE A 97 15.91 -35.73 11.13
CA ILE A 97 15.34 -36.74 12.00
C ILE A 97 14.25 -36.10 12.84
N PRO A 98 13.33 -36.90 13.40
CA PRO A 98 12.24 -36.31 14.20
C PRO A 98 12.72 -35.82 15.56
N ILE A 99 12.26 -34.62 15.94
CA ILE A 99 12.64 -34.02 17.21
C ILE A 99 11.38 -33.78 18.02
N HIS A 100 11.40 -34.20 19.28
CA HIS A 100 10.31 -33.97 20.20
C HIS A 100 10.68 -32.84 21.15
N TYR A 101 9.72 -31.98 21.44
CA TYR A 101 9.94 -30.92 22.40
C TYR A 101 9.20 -31.23 23.68
N CYS A 102 9.89 -31.11 24.80
CA CYS A 102 9.45 -31.64 26.06
C CYS A 102 9.47 -30.51 27.08
N ALA A 103 8.46 -30.49 27.91
CA ALA A 103 8.29 -29.49 28.95
C ALA A 103 9.13 -29.86 30.17
N PRO A 104 9.76 -28.89 30.80
CA PRO A 104 10.52 -29.18 32.03
C PRO A 104 9.58 -29.39 33.21
N ALA A 105 10.17 -29.83 34.32
CA ALA A 105 9.40 -30.11 35.52
C ALA A 105 8.53 -28.91 35.90
N GLY A 106 7.29 -29.19 36.29
CA GLY A 106 6.36 -28.15 36.63
C GLY A 106 5.54 -27.62 35.47
N PHE A 107 5.87 -27.98 34.24
CA PHE A 107 5.11 -27.56 33.07
C PHE A 107 4.60 -28.75 32.28
N ALA A 108 3.70 -28.45 31.33
CA ALA A 108 3.12 -29.47 30.47
C ALA A 108 2.80 -28.85 29.12
N ILE A 109 2.57 -29.71 28.13
CA ILE A 109 2.19 -29.25 26.81
C ILE A 109 0.74 -29.60 26.60
N LEU A 110 -0.09 -28.61 26.29
CA LEU A 110 -1.46 -28.89 25.93
C LEU A 110 -1.49 -29.14 24.43
N LYS A 111 -2.29 -30.13 24.06
CA LYS A 111 -2.47 -30.61 22.70
C LYS A 111 -3.93 -30.46 22.30
N CYS A 112 -4.16 -29.81 21.16
CA CYS A 112 -5.48 -29.69 20.58
C CYS A 112 -5.77 -30.90 19.69
N ASN A 113 -6.84 -31.63 20.00
CA ASN A 113 -7.17 -32.83 19.24
C ASN A 113 -8.41 -32.66 18.39
N ASP A 114 -8.95 -31.44 18.30
CA ASP A 114 -10.04 -31.19 17.36
C ASP A 114 -9.53 -31.29 15.92
N LYS A 115 -10.21 -32.10 15.13
CA LYS A 115 -9.74 -32.43 13.78
C LYS A 115 -9.89 -31.27 12.80
N LYS A 116 -10.85 -30.38 13.03
CA LYS A 116 -11.08 -29.24 12.15
C LYS A 116 -10.60 -27.90 12.73
N PHE A 117 -9.72 -27.93 13.73
CA PHE A 117 -9.21 -26.71 14.35
C PHE A 117 -8.58 -25.80 13.30
N ASN A 118 -9.03 -24.53 13.21
CA ASN A 118 -8.57 -23.75 12.07
C ASN A 118 -7.24 -23.09 12.35
N GLY A 119 -6.70 -23.24 13.56
CA GLY A 119 -5.39 -22.70 13.92
C GLY A 119 -5.44 -21.64 15.00
N THR A 120 -6.57 -20.92 15.09
CA THR A 120 -6.76 -19.90 16.11
C THR A 120 -8.14 -20.09 16.69
N GLY A 121 -8.26 -19.94 18.00
CA GLY A 121 -9.55 -20.04 18.61
C GLY A 121 -9.62 -21.18 19.61
N PRO A 122 -10.83 -21.46 20.07
CA PRO A 122 -11.01 -22.50 21.09
C PRO A 122 -10.88 -23.90 20.53
N CYS A 123 -10.29 -24.79 21.34
CA CYS A 123 -10.20 -26.22 21.07
C CYS A 123 -11.03 -26.96 22.09
N THR A 124 -11.89 -27.87 21.62
CA THR A 124 -12.81 -28.59 22.50
C THR A 124 -12.34 -29.98 22.92
N ASN A 125 -11.46 -30.62 22.15
CA ASN A 125 -10.92 -31.94 22.46
C ASN A 125 -9.46 -31.74 22.87
N VAL A 126 -9.24 -31.48 24.16
CA VAL A 126 -7.92 -31.11 24.65
C VAL A 126 -7.31 -32.26 25.46
N SER A 127 -5.98 -32.36 25.36
CA SER A 127 -5.22 -33.36 26.11
C SER A 127 -3.89 -32.73 26.52
N THR A 128 -3.22 -33.36 27.47
CA THR A 128 -1.90 -32.97 27.94
C THR A 128 -0.88 -34.04 27.62
N VAL A 129 0.33 -33.60 27.24
CA VAL A 129 1.43 -34.49 26.94
C VAL A 129 2.70 -33.94 27.56
N GLN A 130 3.67 -34.85 27.71
CA GLN A 130 5.00 -34.52 28.18
C GLN A 130 5.87 -33.98 27.06
N CYS A 131 5.70 -34.50 25.84
CA CYS A 131 6.48 -34.07 24.69
C CYS A 131 5.59 -34.05 23.45
N THR A 132 5.99 -33.24 22.47
CA THR A 132 5.34 -33.26 21.18
C THR A 132 5.57 -34.58 20.45
N HIS A 133 4.81 -34.77 19.38
CA HIS A 133 5.12 -35.83 18.43
C HIS A 133 6.44 -35.48 17.72
N GLY A 134 6.97 -36.46 17.00
CA GLY A 134 8.20 -36.21 16.27
C GLY A 134 7.96 -35.32 15.06
N ILE A 135 8.73 -34.24 14.96
CA ILE A 135 8.55 -33.25 13.91
C ILE A 135 9.83 -33.21 13.10
N ARG A 136 9.74 -33.48 11.81
CA ARG A 136 10.91 -33.33 10.96
C ARG A 136 11.14 -31.85 10.62
N PRO A 137 12.33 -31.28 10.93
CA PRO A 137 12.62 -29.84 10.67
C PRO A 137 13.03 -29.56 9.23
N VAL A 138 12.10 -29.78 8.31
CA VAL A 138 12.38 -29.64 6.89
C VAL A 138 12.36 -28.16 6.53
N VAL A 139 13.48 -27.65 6.03
CA VAL A 139 13.55 -26.26 5.57
C VAL A 139 13.23 -26.22 4.09
N SER A 140 12.14 -25.53 3.74
CA SER A 140 11.69 -25.46 2.36
C SER A 140 10.77 -24.25 2.19
N THR A 141 10.49 -23.93 0.93
CA THR A 141 9.51 -22.90 0.58
C THR A 141 8.45 -23.46 -0.35
N GLN A 142 7.29 -22.80 -0.35
CA GLN A 142 6.20 -23.10 -1.27
C GLN A 142 5.52 -24.41 -0.88
N LEU A 143 6.28 -25.49 -0.85
CA LEU A 143 5.77 -26.80 -0.48
C LEU A 143 6.39 -27.22 0.84
N LEU A 144 5.56 -27.74 1.75
CA LEU A 144 6.05 -28.33 2.98
C LEU A 144 6.29 -29.81 2.76
N LEU A 145 7.47 -30.29 3.11
CA LEU A 145 7.88 -31.65 2.79
C LEU A 145 8.06 -32.42 4.08
N ASN A 146 7.64 -33.69 4.07
CA ASN A 146 7.95 -34.62 5.16
C ASN A 146 7.34 -34.13 6.47
N GLY A 147 6.21 -33.44 6.39
CA GLY A 147 5.51 -32.91 7.54
C GLY A 147 4.37 -33.79 8.02
N SER A 148 3.47 -33.19 8.78
CA SER A 148 2.27 -33.86 9.27
C SER A 148 1.08 -33.63 8.35
N LEU A 149 0.23 -34.66 8.26
CA LEU A 149 -1.01 -34.61 7.50
C LEU A 149 -2.18 -34.19 8.38
N ALA A 150 -3.16 -33.52 7.77
CA ALA A 150 -4.42 -33.37 8.48
C ALA A 150 -5.08 -34.74 8.59
N GLU A 151 -5.78 -34.98 9.71
CA GLU A 151 -6.21 -36.35 9.94
C GLU A 151 -7.51 -36.68 9.22
N GLU A 152 -8.40 -35.70 9.05
CA GLU A 152 -9.69 -35.90 8.40
C GLU A 152 -9.81 -35.10 7.11
N GLU A 153 -9.93 -33.78 7.16
CA GLU A 153 -10.04 -33.00 5.94
C GLU A 153 -8.94 -31.96 5.86
N ILE A 154 -8.82 -31.36 4.66
CA ILE A 154 -7.87 -30.27 4.46
C ILE A 154 -8.19 -29.13 5.42
N VAL A 155 -7.17 -28.49 5.97
CA VAL A 155 -7.38 -27.37 6.88
C VAL A 155 -6.66 -26.14 6.35
N ILE A 156 -7.38 -25.03 6.29
CA ILE A 156 -6.81 -23.74 5.93
C ILE A 156 -6.62 -22.95 7.22
N ARG A 157 -5.42 -22.42 7.43
CA ARG A 157 -5.10 -21.68 8.64
C ARG A 157 -4.53 -20.31 8.29
N SER A 158 -5.04 -19.26 8.93
CA SER A 158 -4.50 -17.94 8.72
C SER A 158 -4.65 -17.13 9.99
N GLU A 159 -3.64 -16.29 10.31
CA GLU A 159 -3.80 -15.40 11.44
C GLU A 159 -5.02 -14.51 11.26
N ASN A 160 -5.24 -14.04 10.03
CA ASN A 160 -6.53 -13.46 9.71
C ASN A 160 -6.68 -13.52 8.20
N ILE A 161 -7.58 -14.38 7.71
CA ILE A 161 -7.70 -14.62 6.26
C ILE A 161 -8.16 -13.43 5.45
N THR A 162 -8.85 -12.45 6.03
CA THR A 162 -9.25 -11.31 5.21
C THR A 162 -8.16 -10.27 5.08
N ASP A 163 -7.04 -10.44 5.77
CA ASP A 163 -5.93 -9.52 5.71
C ASP A 163 -4.95 -10.14 4.71
N ASN A 164 -4.85 -9.54 3.52
CA ASN A 164 -4.06 -10.13 2.45
C ASN A 164 -2.57 -10.11 2.74
N ALA A 165 -2.14 -9.36 3.75
CA ALA A 165 -0.74 -9.30 4.14
C ALA A 165 -0.32 -10.43 5.06
N LYS A 166 -1.27 -11.25 5.51
CA LYS A 166 -1.02 -12.36 6.41
C LYS A 166 -0.86 -13.64 5.59
N ILE A 167 0.21 -14.40 5.86
CA ILE A 167 0.42 -15.65 5.13
C ILE A 167 -0.74 -16.61 5.41
N ILE A 168 -1.00 -17.51 4.44
CA ILE A 168 -2.00 -18.57 4.56
C ILE A 168 -1.30 -19.91 4.54
N ILE A 169 -1.57 -20.75 5.55
CA ILE A 169 -0.98 -22.08 5.64
C ILE A 169 -2.04 -23.12 5.31
N VAL A 170 -1.85 -23.87 4.23
CA VAL A 170 -2.73 -24.96 3.85
C VAL A 170 -2.12 -26.24 4.39
N GLN A 171 -2.92 -27.06 5.05
CA GLN A 171 -2.53 -28.37 5.55
C GLN A 171 -3.33 -29.44 4.83
N LEU A 172 -2.64 -30.27 4.04
CA LEU A 172 -3.27 -31.35 3.30
C LEU A 172 -3.65 -32.50 4.23
N ASN A 173 -4.52 -33.37 3.74
CA ASN A 173 -4.87 -34.60 4.43
C ASN A 173 -4.43 -35.86 3.69
N GLU A 174 -3.80 -35.69 2.53
CA GLU A 174 -3.19 -36.79 1.79
C GLU A 174 -1.86 -36.34 1.22
N THR A 175 -0.80 -37.10 1.48
CA THR A 175 0.51 -36.74 0.94
C THR A 175 0.46 -36.81 -0.57
N VAL A 176 1.18 -35.90 -1.22
CA VAL A 176 1.49 -36.03 -2.64
C VAL A 176 2.99 -36.21 -2.76
N GLU A 177 3.43 -37.34 -3.30
CA GLU A 177 4.87 -37.58 -3.38
C GLU A 177 5.50 -36.74 -4.48
N ILE A 178 6.67 -36.18 -4.15
CA ILE A 178 7.48 -35.41 -5.08
C ILE A 178 8.89 -35.99 -5.13
N ASN A 179 9.32 -36.35 -6.34
CA ASN A 179 10.59 -37.05 -6.51
C ASN A 179 11.58 -36.16 -7.23
N CYS A 180 12.67 -35.80 -6.56
CA CYS A 180 13.68 -34.92 -7.14
C CYS A 180 14.99 -35.67 -7.28
N THR A 181 15.57 -35.58 -8.47
CA THR A 181 16.83 -36.25 -8.78
C THR A 181 17.73 -35.29 -9.54
N ARG A 182 19.00 -35.23 -9.11
CA ARG A 182 20.12 -34.75 -9.90
C ARG A 182 20.80 -35.97 -10.53
N PRO A 183 20.47 -36.31 -11.78
CA PRO A 183 20.93 -37.59 -12.36
C PRO A 183 22.45 -37.62 -12.47
N ASN A 184 23.05 -38.74 -12.06
CA ASN A 184 24.47 -38.99 -12.32
C ASN A 184 24.81 -38.84 -13.81
N ILE A 194 26.38 -30.29 -14.31
CA ILE A 194 26.33 -30.96 -13.00
C ILE A 194 25.19 -30.42 -12.16
N ARG A 195 24.70 -29.23 -12.49
CA ARG A 195 23.66 -28.55 -11.70
C ARG A 195 22.25 -28.67 -12.26
N GLN A 196 22.03 -29.35 -13.37
CA GLN A 196 20.67 -29.48 -13.90
C GLN A 196 20.02 -30.69 -13.23
N ALA A 197 18.81 -30.50 -12.68
CA ALA A 197 18.07 -31.57 -12.01
C ALA A 197 16.58 -31.44 -12.28
N HIS A 198 15.79 -32.39 -11.77
CA HIS A 198 14.34 -32.28 -11.99
C HIS A 198 13.54 -33.00 -10.91
N CYS A 199 12.29 -32.52 -10.72
CA CYS A 199 11.32 -33.13 -9.81
C CYS A 199 10.04 -33.57 -10.53
N ASN A 200 9.55 -34.75 -10.19
CA ASN A 200 8.31 -35.29 -10.74
C ASN A 200 7.21 -35.26 -9.70
N ILE A 201 6.02 -34.79 -10.12
CA ILE A 201 4.80 -34.83 -9.33
C ILE A 201 3.69 -35.33 -10.25
N SER A 202 2.81 -36.21 -9.76
CA SER A 202 1.67 -36.61 -10.56
C SER A 202 0.84 -35.39 -10.95
N LYS A 203 0.66 -35.16 -12.25
CA LYS A 203 -0.12 -34.00 -12.69
C LYS A 203 -1.58 -34.15 -12.26
N ALA A 204 -2.15 -35.34 -12.50
CA ALA A 204 -3.54 -35.62 -12.14
C ALA A 204 -3.77 -35.54 -10.64
N LYS A 205 -2.85 -36.08 -9.84
CA LYS A 205 -3.04 -36.11 -8.39
C LYS A 205 -2.92 -34.72 -7.80
N TRP A 206 -2.02 -33.92 -8.35
CA TRP A 206 -1.88 -32.55 -7.90
C TRP A 206 -3.14 -31.75 -8.23
N GLU A 207 -3.64 -31.87 -9.48
CA GLU A 207 -4.86 -31.13 -9.86
C GLU A 207 -6.09 -31.56 -9.07
N ASN A 208 -6.29 -32.88 -8.89
CA ASN A 208 -7.38 -33.34 -8.04
C ASN A 208 -7.26 -32.80 -6.62
N THR A 209 -6.03 -32.61 -6.15
CA THR A 209 -5.78 -32.01 -4.84
C THR A 209 -6.18 -30.53 -4.87
N LEU A 210 -5.84 -29.86 -5.97
CA LEU A 210 -6.17 -28.45 -6.19
C LEU A 210 -7.67 -28.22 -6.12
N LYS A 211 -8.46 -29.13 -6.68
CA LYS A 211 -9.91 -28.95 -6.61
C LYS A 211 -10.40 -28.84 -5.17
N GLN A 212 -9.93 -29.72 -4.28
CA GLN A 212 -10.36 -29.69 -2.88
C GLN A 212 -9.78 -28.48 -2.14
N ILE A 213 -8.53 -28.12 -2.44
CA ILE A 213 -7.95 -26.92 -1.85
C ILE A 213 -8.77 -25.69 -2.23
N ALA A 214 -9.13 -25.58 -3.51
CA ALA A 214 -9.88 -24.43 -3.95
C ALA A 214 -11.23 -24.36 -3.27
N ARG A 215 -11.92 -25.51 -3.15
CA ARG A 215 -13.20 -25.50 -2.43
C ARG A 215 -13.06 -25.08 -0.96
N LYS A 216 -12.00 -25.55 -0.30
CA LYS A 216 -11.78 -25.18 1.10
C LYS A 216 -11.53 -23.68 1.21
N LEU A 217 -10.68 -23.15 0.34
CA LEU A 217 -10.46 -21.71 0.33
C LEU A 217 -11.76 -20.97 0.05
N ARG A 218 -12.58 -21.52 -0.86
CA ARG A 218 -13.85 -20.95 -1.25
C ARG A 218 -14.83 -20.88 -0.10
N GLU A 219 -14.61 -21.68 0.95
CA GLU A 219 -15.53 -21.62 2.09
C GLU A 219 -15.53 -20.29 2.81
N HIS A 220 -14.45 -19.51 2.73
CA HIS A 220 -14.62 -18.14 3.22
C HIS A 220 -15.06 -17.22 2.07
N PHE A 221 -14.33 -17.20 0.96
CA PHE A 221 -14.65 -16.34 -0.19
C PHE A 221 -15.67 -17.06 -1.07
N LYS A 222 -16.94 -16.91 -0.67
CA LYS A 222 -18.03 -17.72 -1.21
C LYS A 222 -18.25 -17.47 -2.69
N ASN A 223 -18.46 -18.57 -3.44
CA ASN A 223 -18.76 -18.60 -4.87
C ASN A 223 -17.88 -17.67 -5.72
N GLU A 224 -16.63 -17.46 -5.33
CA GLU A 224 -15.68 -16.78 -6.19
C GLU A 224 -14.85 -17.82 -6.93
N THR A 225 -14.39 -17.46 -8.11
CA THR A 225 -13.46 -18.32 -8.84
C THR A 225 -12.07 -18.18 -8.24
N ILE A 226 -11.40 -19.30 -8.02
CA ILE A 226 -10.12 -19.35 -7.33
C ILE A 226 -9.05 -19.71 -8.35
N ALA A 227 -8.02 -18.88 -8.45
CA ALA A 227 -6.95 -19.13 -9.38
C ALA A 227 -5.67 -19.38 -8.60
N PHE A 228 -4.86 -20.33 -9.08
CA PHE A 228 -3.51 -20.52 -8.58
C PHE A 228 -2.56 -20.05 -9.66
N ASN A 229 -1.65 -19.17 -9.28
CA ASN A 229 -0.80 -18.49 -10.23
C ASN A 229 0.61 -18.48 -9.67
N GLN A 230 1.56 -18.21 -10.55
CA GLN A 230 2.95 -18.31 -10.18
C GLN A 230 3.34 -17.14 -9.27
N SER A 231 4.50 -17.28 -8.62
CA SER A 231 5.02 -16.24 -7.74
C SER A 231 5.16 -14.91 -8.48
N SER A 232 4.84 -13.82 -7.77
CA SER A 232 4.90 -12.48 -8.34
C SER A 232 6.28 -11.85 -8.27
N GLY A 233 7.16 -12.34 -7.40
CA GLY A 233 8.49 -11.77 -7.32
C GLY A 233 9.14 -12.08 -5.98
N GLY A 234 10.31 -11.50 -5.79
CA GLY A 234 11.09 -11.68 -4.59
C GLY A 234 12.42 -12.35 -4.85
N ASP A 235 13.11 -12.66 -3.75
CA ASP A 235 14.39 -13.36 -3.78
C ASP A 235 14.23 -14.78 -4.35
N PRO A 236 15.32 -15.37 -4.87
CA PRO A 236 15.24 -16.75 -5.39
C PRO A 236 14.66 -17.73 -4.39
N GLU A 237 14.92 -17.52 -3.11
CA GLU A 237 14.40 -18.41 -2.07
C GLU A 237 12.88 -18.56 -2.12
N ILE A 238 12.14 -17.54 -2.51
CA ILE A 238 10.68 -17.61 -2.49
C ILE A 238 10.05 -17.76 -3.88
N VAL A 239 10.72 -17.38 -4.95
CA VAL A 239 10.13 -17.59 -6.26
C VAL A 239 10.17 -19.04 -6.73
N MET A 240 11.19 -19.79 -6.35
CA MET A 240 11.23 -21.22 -6.64
C MET A 240 10.92 -22.05 -5.40
N HIS A 241 10.58 -23.32 -5.65
CA HIS A 241 10.53 -24.31 -4.58
C HIS A 241 11.96 -24.65 -4.19
N SER A 242 12.35 -24.27 -2.97
CA SER A 242 13.71 -24.47 -2.50
C SER A 242 13.75 -25.51 -1.38
N PHE A 243 14.82 -26.28 -1.36
CA PHE A 243 14.92 -27.30 -0.32
C PHE A 243 16.33 -27.86 -0.30
N ASN A 244 16.61 -28.67 0.71
CA ASN A 244 17.91 -29.27 0.88
C ASN A 244 17.78 -30.78 0.69
N CYS A 245 18.51 -31.31 -0.28
CA CYS A 245 18.50 -32.75 -0.57
C CYS A 245 19.96 -33.20 -0.50
N GLY A 246 20.32 -33.95 0.53
CA GLY A 246 21.68 -34.46 0.59
C GLY A 246 22.74 -33.38 0.63
N GLY A 247 22.45 -32.27 1.31
CA GLY A 247 23.36 -31.15 1.36
C GLY A 247 23.33 -30.22 0.17
N GLU A 248 22.66 -30.58 -0.93
CA GLU A 248 22.57 -29.66 -2.07
C GLU A 248 21.27 -28.87 -2.01
N PHE A 249 21.36 -27.63 -2.43
CA PHE A 249 20.24 -26.69 -2.36
C PHE A 249 19.55 -26.70 -3.72
N PHE A 250 18.37 -27.28 -3.78
CA PHE A 250 17.65 -27.33 -5.02
C PHE A 250 16.77 -26.10 -5.09
N TYR A 251 16.65 -25.54 -6.30
CA TYR A 251 15.77 -24.42 -6.60
C TYR A 251 15.01 -24.88 -7.84
N CYS A 252 13.72 -25.16 -7.67
CA CYS A 252 12.91 -25.73 -8.73
C CYS A 252 11.88 -24.72 -9.22
N ASN A 253 11.79 -24.60 -10.54
CA ASN A 253 10.78 -23.73 -11.13
C ASN A 253 9.41 -24.34 -10.92
N SER A 254 8.59 -23.70 -10.10
CA SER A 254 7.31 -24.26 -9.70
C SER A 254 6.16 -23.64 -10.50
N THR A 255 6.48 -22.85 -11.52
CA THR A 255 5.47 -22.20 -12.34
C THR A 255 4.40 -23.20 -12.80
N GLN A 256 4.85 -24.34 -13.33
CA GLN A 256 3.96 -25.34 -13.88
C GLN A 256 3.00 -25.92 -12.84
N LEU A 257 3.32 -25.78 -11.55
CA LEU A 257 2.44 -26.25 -10.48
C LEU A 257 1.33 -25.24 -10.18
N PHE A 258 1.56 -23.95 -10.45
CA PHE A 258 0.66 -22.86 -10.03
C PHE A 258 0.34 -22.05 -11.27
N ASN A 259 -0.55 -22.60 -12.08
CA ASN A 259 -1.00 -22.04 -13.34
C ASN A 259 -2.32 -22.69 -13.71
N SER A 260 -3.36 -22.38 -12.95
CA SER A 260 -4.64 -23.00 -13.23
C SER A 260 -5.73 -22.21 -12.55
N THR A 261 -6.96 -22.44 -12.98
CA THR A 261 -8.13 -21.76 -12.45
C THR A 261 -9.22 -22.79 -12.15
N TRP A 262 -9.91 -22.60 -11.03
CA TRP A 262 -10.87 -23.56 -10.51
C TRP A 262 -12.12 -22.77 -10.11
N THR A 263 -13.27 -23.20 -10.63
CA THR A 263 -14.54 -22.52 -10.47
C THR A 263 -15.50 -23.42 -9.73
N TRP A 264 -16.52 -22.80 -9.12
CA TRP A 264 -17.74 -23.48 -8.71
C TRP A 264 -18.17 -24.55 -9.71
N ASN A 265 -17.38 -25.63 -9.80
CA ASN A 265 -17.44 -26.64 -10.85
C ASN A 265 -16.21 -27.52 -10.77
N ASN A 276 0.61 -41.71 -13.62
CA ASN A 276 0.06 -40.73 -14.54
C ASN A 276 1.11 -39.81 -15.09
N ILE A 277 0.68 -38.71 -15.68
CA ILE A 277 1.63 -37.86 -16.36
C ILE A 277 2.42 -37.20 -15.25
N ASN A 278 3.67 -36.90 -15.52
CA ASN A 278 4.39 -36.17 -14.49
C ASN A 278 4.52 -34.73 -14.92
N ILE A 279 4.56 -33.87 -13.91
CA ILE A 279 5.08 -32.54 -14.06
C ILE A 279 6.51 -32.67 -13.61
N THR A 280 7.42 -32.30 -14.49
CA THR A 280 8.84 -32.32 -14.18
C THR A 280 9.24 -30.88 -14.08
N LEU A 281 9.70 -30.54 -12.97
CA LEU A 281 10.11 -29.19 -12.69
C LEU A 281 11.59 -29.10 -12.97
N PRO A 282 12.03 -28.11 -13.74
CA PRO A 282 13.46 -27.91 -13.96
C PRO A 282 14.06 -27.26 -12.74
N CYS A 283 15.09 -27.88 -12.17
CA CYS A 283 15.72 -27.33 -11.00
C CYS A 283 17.19 -27.10 -11.27
N ARG A 284 17.78 -26.32 -10.37
CA ARG A 284 19.22 -26.12 -10.37
C ARG A 284 19.71 -26.10 -8.93
N ILE A 285 20.87 -26.70 -8.75
CA ILE A 285 21.55 -26.65 -7.46
C ILE A 285 22.43 -25.40 -7.48
N LYS A 286 22.18 -24.49 -6.55
CA LYS A 286 22.88 -23.22 -6.52
C LYS A 286 23.97 -23.25 -5.47
N GLN A 287 25.13 -22.68 -5.82
CA GLN A 287 26.20 -22.46 -4.86
C GLN A 287 26.03 -21.17 -4.07
N ILE A 288 25.42 -20.15 -4.66
CA ILE A 288 25.26 -18.85 -4.02
C ILE A 288 23.81 -18.69 -3.62
N ILE A 289 23.56 -18.50 -2.32
CA ILE A 289 22.22 -18.46 -1.76
C ILE A 289 22.08 -17.25 -0.83
N ASN A 290 20.85 -16.78 -0.67
CA ASN A 290 20.52 -15.80 0.36
C ASN A 290 20.08 -16.57 1.59
N MET A 291 20.68 -16.29 2.74
CA MET A 291 20.38 -17.08 3.93
C MET A 291 19.00 -16.80 4.50
N TRP A 292 18.29 -17.88 4.84
CA TRP A 292 17.01 -17.74 5.52
C TRP A 292 17.18 -17.34 6.99
N GLN A 293 18.24 -17.79 7.66
CA GLN A 293 18.33 -17.54 9.09
C GLN A 293 18.62 -16.07 9.38
N GLU A 294 19.48 -15.46 8.56
CA GLU A 294 19.90 -14.08 8.74
C GLU A 294 20.10 -13.43 7.39
N VAL A 295 19.98 -12.09 7.35
CA VAL A 295 20.18 -11.35 6.11
C VAL A 295 21.63 -11.52 5.66
N GLY A 296 21.82 -12.17 4.52
CA GLY A 296 23.15 -12.38 3.99
C GLY A 296 23.17 -13.53 3.01
N LYS A 297 24.33 -13.71 2.39
CA LYS A 297 24.53 -14.73 1.38
C LYS A 297 25.56 -15.74 1.88
N ALA A 298 25.42 -16.97 1.38
CA ALA A 298 26.38 -18.04 1.60
C ALA A 298 26.74 -18.76 0.31
N MET A 299 28.02 -19.12 0.19
CA MET A 299 28.54 -19.88 -0.93
C MET A 299 28.96 -21.27 -0.48
N TYR A 300 28.42 -22.27 -1.15
CA TYR A 300 28.71 -23.68 -0.90
C TYR A 300 29.52 -24.21 -2.07
N ALA A 301 30.18 -25.34 -1.85
CA ALA A 301 30.98 -25.95 -2.90
C ALA A 301 30.09 -26.57 -3.97
N PRO A 302 30.64 -26.87 -5.15
CA PRO A 302 29.79 -27.39 -6.24
C PRO A 302 29.24 -28.75 -5.88
N PRO A 303 28.22 -29.25 -6.59
CA PRO A 303 27.60 -30.50 -6.18
C PRO A 303 28.58 -31.65 -6.23
N ILE A 304 28.33 -32.65 -5.38
CA ILE A 304 28.97 -33.96 -5.46
C ILE A 304 28.76 -34.57 -6.83
N LYS A 305 29.49 -35.64 -7.13
CA LYS A 305 29.20 -36.44 -8.30
C LYS A 305 28.40 -37.65 -7.81
N GLY A 306 28.00 -38.52 -8.73
CA GLY A 306 27.08 -39.58 -8.41
C GLY A 306 25.64 -39.13 -8.49
N GLN A 307 24.73 -40.10 -8.36
CA GLN A 307 23.30 -39.84 -8.44
C GLN A 307 22.80 -39.24 -7.12
N ILE A 308 22.20 -38.05 -7.20
CA ILE A 308 21.54 -37.42 -6.06
C ILE A 308 20.03 -37.61 -6.14
N ARG A 309 19.41 -38.18 -5.11
CA ARG A 309 17.98 -38.47 -5.19
C ARG A 309 17.35 -38.30 -3.81
N CYS A 310 16.23 -37.56 -3.78
CA CYS A 310 15.41 -37.42 -2.57
C CYS A 310 13.95 -37.53 -2.97
N SER A 311 13.24 -38.38 -2.27
CA SER A 311 11.79 -38.47 -2.44
C SER A 311 11.15 -37.86 -1.20
N SER A 312 10.34 -36.82 -1.40
CA SER A 312 9.73 -36.13 -0.28
C SER A 312 8.21 -36.26 -0.40
N ASN A 313 7.51 -36.01 0.71
CA ASN A 313 6.06 -35.92 0.72
C ASN A 313 5.64 -34.45 0.80
N ILE A 314 4.93 -33.98 -0.23
CA ILE A 314 4.22 -32.71 -0.13
C ILE A 314 3.07 -32.89 0.84
N THR A 315 3.10 -32.14 1.95
CA THR A 315 2.03 -32.16 2.93
C THR A 315 1.29 -30.85 3.12
N GLY A 316 1.77 -29.73 2.57
CA GLY A 316 1.05 -28.49 2.73
C GLY A 316 1.52 -27.43 1.76
N LEU A 317 0.87 -26.27 1.83
CA LEU A 317 1.24 -25.13 1.00
C LEU A 317 1.24 -23.83 1.80
N LEU A 318 2.08 -22.89 1.36
CA LEU A 318 2.09 -21.51 1.85
C LEU A 318 1.62 -20.57 0.74
N LEU A 319 0.53 -19.86 0.96
CA LEU A 319 -0.04 -19.03 -0.09
C LEU A 319 -0.22 -17.60 0.42
N THR A 320 -0.15 -16.64 -0.51
CA THR A 320 -0.45 -15.25 -0.25
C THR A 320 -1.48 -14.79 -1.27
N ARG A 321 -2.50 -14.06 -0.81
CA ARG A 321 -3.58 -13.59 -1.67
C ARG A 321 -3.33 -12.16 -2.13
N ASP A 322 -3.50 -11.92 -3.43
CA ASP A 322 -3.34 -10.58 -3.97
C ASP A 322 -4.43 -9.68 -3.39
N GLY A 323 -4.03 -8.48 -2.96
CA GLY A 323 -4.98 -7.52 -2.42
C GLY A 323 -5.49 -6.55 -3.47
N GLY A 324 -6.32 -5.63 -3.01
CA GLY A 324 -6.77 -4.54 -3.85
C GLY A 324 -8.23 -4.69 -4.22
N SER A 325 -8.83 -3.58 -4.62
CA SER A 325 -10.20 -3.58 -5.12
C SER A 325 -10.34 -4.39 -6.41
N SER A 326 -11.55 -4.91 -6.63
CA SER A 326 -11.85 -5.76 -7.77
C SER A 326 -11.89 -4.97 -9.08
N THR A 327 -11.25 -5.50 -10.12
CA THR A 327 -11.31 -4.93 -11.46
C THR A 327 -12.54 -5.44 -12.23
N ASN A 328 -12.43 -6.63 -12.83
CA ASN A 328 -13.60 -7.36 -13.32
C ASN A 328 -13.78 -8.71 -12.62
N GLY A 329 -13.14 -9.77 -13.11
CA GLY A 329 -13.51 -11.13 -12.77
C GLY A 329 -13.46 -11.39 -11.28
N THR A 330 -14.56 -11.90 -10.72
CA THR A 330 -14.64 -12.48 -9.37
C THR A 330 -13.44 -13.27 -8.83
N THR A 331 -12.27 -13.16 -9.43
CA THR A 331 -11.26 -14.20 -9.29
C THR A 331 -10.31 -13.76 -8.19
N GLU A 332 -10.07 -14.65 -7.23
CA GLU A 332 -9.02 -14.44 -6.26
C GLU A 332 -7.82 -15.32 -6.61
N THR A 333 -6.65 -14.71 -6.60
CA THR A 333 -5.43 -15.36 -7.07
C THR A 333 -4.49 -15.50 -5.88
N PHE A 334 -3.91 -16.68 -5.75
CA PHE A 334 -3.00 -17.00 -4.67
C PHE A 334 -1.67 -17.46 -5.23
N ARG A 335 -0.59 -16.94 -4.66
CA ARG A 335 0.72 -17.26 -5.16
C ARG A 335 1.55 -17.72 -3.98
N PRO A 336 2.44 -18.67 -4.17
CA PRO A 336 3.25 -19.13 -3.04
C PRO A 336 4.14 -18.02 -2.52
N GLY A 337 4.35 -18.06 -1.22
CA GLY A 337 5.20 -17.09 -0.56
C GLY A 337 5.87 -17.88 0.52
N GLY A 338 6.27 -17.20 1.58
CA GLY A 338 6.96 -17.94 2.61
C GLY A 338 8.34 -17.34 2.70
N GLY A 339 9.27 -18.06 3.28
CA GLY A 339 10.60 -17.52 3.48
C GLY A 339 10.94 -17.41 4.93
N ASP A 340 10.01 -16.90 5.71
CA ASP A 340 10.21 -16.85 7.16
C ASP A 340 9.81 -18.23 7.65
N MET A 341 10.81 -19.04 7.97
CA MET A 341 10.62 -20.43 8.32
C MET A 341 9.91 -20.62 9.65
N ARG A 342 9.71 -19.57 10.44
CA ARG A 342 8.89 -19.73 11.62
C ARG A 342 7.53 -20.31 11.24
N ASP A 343 7.00 -19.92 10.07
CA ASP A 343 5.72 -20.43 9.62
C ASP A 343 5.79 -21.91 9.25
N ASN A 344 6.93 -22.38 8.74
CA ASN A 344 7.09 -23.82 8.54
C ASN A 344 6.92 -24.57 9.85
N TRP A 345 7.63 -24.13 10.90
CA TRP A 345 7.50 -24.79 12.19
C TRP A 345 6.10 -24.65 12.74
N ARG A 346 5.50 -23.48 12.55
CA ARG A 346 4.12 -23.24 12.98
C ARG A 346 3.16 -24.25 12.39
N SER A 347 3.38 -24.63 11.12
CA SER A 347 2.52 -25.60 10.48
C SER A 347 2.50 -26.91 11.24
N GLU A 348 3.52 -27.16 12.06
CA GLU A 348 3.58 -28.34 12.90
C GLU A 348 3.31 -28.08 14.37
N LEU A 349 3.56 -26.87 14.87
CA LEU A 349 3.39 -26.58 16.28
C LEU A 349 2.01 -26.02 16.62
N TYR A 350 1.15 -25.84 15.62
CA TYR A 350 -0.12 -25.16 15.83
C TYR A 350 -0.95 -25.75 16.97
N LYS A 351 -0.84 -27.06 17.22
CA LYS A 351 -1.73 -27.74 18.16
C LYS A 351 -1.21 -27.79 19.59
N TYR A 352 -0.13 -27.08 19.89
CA TYR A 352 0.54 -27.19 21.17
C TYR A 352 0.65 -25.84 21.83
N LYS A 353 0.57 -25.84 23.16
CA LYS A 353 0.91 -24.65 23.93
C LYS A 353 1.51 -25.09 25.25
N VAL A 354 2.40 -24.29 25.78
CA VAL A 354 3.06 -24.66 27.02
C VAL A 354 2.36 -24.00 28.18
N VAL A 355 2.16 -24.75 29.26
CA VAL A 355 1.41 -24.21 30.38
C VAL A 355 2.11 -24.60 31.68
N LYS A 356 2.02 -23.68 32.64
CA LYS A 356 2.38 -23.88 34.04
C LYS A 356 1.32 -24.71 34.76
N ILE A 357 1.77 -25.50 35.73
CA ILE A 357 0.87 -26.42 36.41
C ILE A 357 0.33 -25.74 37.66
N GLU A 358 -0.98 -25.90 37.89
CA GLU A 358 -1.73 -25.19 38.94
C GLU A 358 -1.03 -25.10 40.29
N GLN B 1 13.85 7.29 16.18
CA GLN B 1 12.76 7.95 15.49
C GLN B 1 12.64 7.43 14.07
N VAL B 2 11.52 6.79 13.78
CA VAL B 2 11.25 6.34 12.42
C VAL B 2 11.07 7.53 11.49
N GLN B 3 11.73 7.49 10.34
CA GLN B 3 11.63 8.56 9.34
C GLN B 3 11.74 7.92 7.98
N LEU B 4 10.92 8.38 7.04
CA LEU B 4 11.00 7.96 5.65
C LEU B 4 11.21 9.16 4.75
N VAL B 5 12.31 9.15 3.99
CA VAL B 5 12.72 10.28 3.17
C VAL B 5 12.81 9.81 1.72
N GLN B 6 11.98 10.38 0.87
CA GLN B 6 11.87 9.98 -0.53
C GLN B 6 12.67 10.92 -1.43
N SER B 7 12.89 10.49 -2.67
CA SER B 7 13.62 11.30 -3.62
C SER B 7 12.73 12.43 -4.15
N GLY B 8 13.34 13.36 -4.89
CA GLY B 8 12.63 14.55 -5.28
C GLY B 8 11.73 14.35 -6.48
N ALA B 9 10.95 15.41 -6.76
CA ALA B 9 9.97 15.37 -7.85
C ALA B 9 10.63 15.04 -9.19
N GLU B 10 9.87 14.36 -10.04
CA GLU B 10 10.34 13.93 -11.35
C GLU B 10 9.32 14.29 -12.44
N MET B 11 9.86 14.65 -13.60
CA MET B 11 9.08 14.85 -14.81
C MET B 11 9.42 13.74 -15.81
N LYS B 12 8.39 13.11 -16.38
CA LYS B 12 8.55 12.03 -17.33
C LYS B 12 7.55 12.16 -18.47
N LYS B 13 7.91 11.61 -19.67
CA LYS B 13 7.01 11.52 -20.81
C LYS B 13 6.24 10.21 -20.81
N PRO B 14 5.06 10.19 -21.43
CA PRO B 14 4.28 8.95 -21.57
C PRO B 14 5.08 7.79 -22.17
N GLY B 15 4.88 6.60 -21.60
CA GLY B 15 5.56 5.39 -22.04
C GLY B 15 6.88 5.11 -21.36
N ALA B 16 7.44 6.10 -20.66
CA ALA B 16 8.68 5.95 -19.91
C ALA B 16 8.44 5.19 -18.60
N SER B 17 9.50 5.08 -17.82
CA SER B 17 9.47 4.45 -16.51
C SER B 17 10.01 5.44 -15.50
N VAL B 18 9.55 5.29 -14.26
CA VAL B 18 9.95 6.14 -13.15
C VAL B 18 10.42 5.28 -11.99
N ARG B 19 11.41 5.77 -11.27
CA ARG B 19 11.89 5.15 -10.04
C ARG B 19 11.77 6.10 -8.86
N VAL B 20 11.07 5.66 -7.82
CA VAL B 20 10.88 6.45 -6.61
C VAL B 20 11.57 5.71 -5.46
N SER B 21 12.26 6.45 -4.60
CA SER B 21 12.97 5.86 -3.48
C SER B 21 12.34 6.23 -2.13
N CYS B 22 12.66 5.42 -1.13
CA CYS B 22 12.05 5.58 0.19
C CYS B 22 13.10 5.13 1.21
N GLU B 23 13.74 6.10 1.88
CA GLU B 23 14.78 5.85 2.87
C GLU B 23 14.20 5.72 4.26
N ALA B 24 14.45 4.58 4.90
CA ALA B 24 13.98 4.30 6.25
C ALA B 24 15.06 4.58 7.29
N SER B 25 14.64 5.06 8.46
CA SER B 25 15.56 5.19 9.58
C SER B 25 14.78 5.08 10.88
N GLY B 26 15.51 4.81 11.97
CA GLY B 26 14.95 4.72 13.30
C GLY B 26 14.39 3.37 13.71
N TYR B 27 14.52 2.34 12.90
CA TYR B 27 13.96 1.04 13.27
C TYR B 27 14.64 -0.06 12.47
N THR B 28 14.31 -1.30 12.82
CA THR B 28 14.83 -2.48 12.11
C THR B 28 14.02 -2.62 10.83
N PHE B 29 14.66 -2.24 9.72
CA PHE B 29 14.01 -2.16 8.40
C PHE B 29 13.22 -3.42 8.05
N THR B 30 13.77 -4.61 8.32
CA THR B 30 13.14 -5.86 7.89
C THR B 30 11.96 -6.27 8.76
N ASP B 31 11.61 -5.48 9.76
CA ASP B 31 10.60 -5.89 10.74
C ASP B 31 9.19 -5.42 10.39
N TYR B 32 9.02 -4.54 9.40
CA TYR B 32 7.70 -3.96 9.15
C TYR B 32 7.41 -4.01 7.66
N VAL B 33 6.16 -4.36 7.31
CA VAL B 33 5.70 -4.27 5.93
C VAL B 33 5.79 -2.84 5.44
N LEU B 34 6.28 -2.66 4.21
CA LEU B 34 6.22 -1.36 3.57
C LEU B 34 5.17 -1.32 2.47
N HIS B 35 4.29 -0.31 2.53
CA HIS B 35 3.24 -0.13 1.52
C HIS B 35 3.57 1.05 0.63
N TRP B 36 3.07 0.96 -0.61
CA TRP B 36 3.10 2.08 -1.54
C TRP B 36 1.71 2.56 -1.91
N MET B 37 1.53 3.88 -1.85
CA MET B 37 0.28 4.55 -2.20
C MET B 37 0.58 5.76 -3.07
N ARG B 38 -0.48 6.26 -3.68
CA ARG B 38 -0.42 7.45 -4.51
C ARG B 38 -1.70 8.25 -4.37
N GLN B 39 -1.62 9.53 -4.70
CA GLN B 39 -2.79 10.39 -4.59
C GLN B 39 -2.78 11.26 -5.83
N ALA B 40 -3.70 10.96 -6.76
CA ALA B 40 -3.86 11.75 -7.97
C ALA B 40 -4.61 13.04 -7.70
N PRO B 41 -4.46 14.06 -8.55
CA PRO B 41 -5.16 15.31 -8.31
C PRO B 41 -6.66 15.08 -8.20
N GLY B 42 -7.25 15.54 -7.10
CA GLY B 42 -8.69 15.45 -6.89
C GLY B 42 -9.30 14.05 -6.79
N GLN B 43 -8.47 13.03 -6.68
CA GLN B 43 -8.96 11.66 -6.62
C GLN B 43 -8.64 11.12 -5.23
N GLY B 44 -9.01 9.87 -4.97
CA GLY B 44 -8.75 9.27 -3.68
C GLY B 44 -7.35 8.67 -3.64
N ILE B 45 -7.08 7.99 -2.56
CA ILE B 45 -5.76 7.41 -2.34
C ILE B 45 -5.80 5.99 -2.86
N GLU B 46 -4.77 5.58 -3.57
CA GLU B 46 -4.76 4.26 -4.20
C GLU B 46 -3.57 3.47 -3.70
N TRP B 47 -3.87 2.26 -3.24
CA TRP B 47 -2.85 1.34 -2.77
C TRP B 47 -2.40 0.51 -3.97
N LEU B 48 -1.10 0.48 -4.19
CA LEU B 48 -0.49 -0.25 -5.30
C LEU B 48 -0.04 -1.62 -4.88
N GLY B 49 0.39 -1.75 -3.64
CA GLY B 49 0.87 -3.02 -3.15
C GLY B 49 1.81 -2.80 -1.99
N TRP B 50 2.36 -3.91 -1.54
CA TRP B 50 3.31 -3.87 -0.45
C TRP B 50 4.46 -4.79 -0.76
N ILE B 51 5.54 -4.56 -0.04
CA ILE B 51 6.70 -5.44 -0.05
C ILE B 51 7.11 -5.71 1.39
N LYS B 52 7.42 -6.97 1.67
CA LYS B 52 8.03 -7.34 2.94
C LYS B 52 9.53 -7.40 2.70
N PRO B 53 10.30 -6.47 3.24
CA PRO B 53 11.70 -6.31 2.80
C PRO B 53 12.62 -7.47 3.17
N ARG B 54 12.20 -8.39 4.05
CA ARG B 54 13.12 -9.43 4.49
C ARG B 54 13.52 -10.32 3.34
N TYR B 55 12.55 -10.83 2.58
CA TYR B 55 12.84 -11.61 1.38
C TYR B 55 12.33 -10.96 0.12
N GLY B 56 11.75 -9.77 0.20
CA GLY B 56 11.29 -9.14 -1.00
C GLY B 56 9.98 -9.65 -1.51
N ALA B 57 9.24 -10.41 -0.70
CA ALA B 57 7.92 -10.84 -1.13
C ALA B 57 7.10 -9.60 -1.45
N VAL B 58 6.25 -9.71 -2.46
CA VAL B 58 5.49 -8.56 -2.92
C VAL B 58 4.05 -8.94 -3.17
N ASN B 59 3.22 -7.90 -3.21
CA ASN B 59 1.82 -8.04 -3.51
C ASN B 59 1.46 -6.79 -4.29
N TYR B 60 1.01 -6.97 -5.53
CA TYR B 60 0.73 -5.89 -6.46
C TYR B 60 -0.76 -5.79 -6.71
N ALA B 61 -1.29 -4.57 -6.67
CA ALA B 61 -2.70 -4.37 -6.97
C ALA B 61 -3.01 -4.89 -8.37
N HIS B 62 -4.18 -5.52 -8.51
CA HIS B 62 -4.69 -6.03 -9.78
C HIS B 62 -4.42 -5.09 -10.94
N LYS B 63 -4.74 -3.81 -10.78
CA LYS B 63 -4.68 -2.83 -11.87
C LYS B 63 -3.24 -2.46 -12.24
N PHE B 64 -2.26 -2.83 -11.43
CA PHE B 64 -0.87 -2.50 -11.73
C PHE B 64 0.01 -3.69 -12.05
N GLN B 65 -0.53 -4.91 -12.11
CA GLN B 65 0.27 -6.05 -12.54
C GLN B 65 0.85 -5.76 -13.92
N GLY B 66 2.12 -6.11 -14.11
CA GLY B 66 2.79 -5.80 -15.36
C GLY B 66 3.22 -4.36 -15.49
N ARG B 67 2.82 -3.49 -14.55
CA ARG B 67 3.21 -2.09 -14.57
C ARG B 67 4.19 -1.74 -13.46
N VAL B 68 4.17 -2.48 -12.34
CA VAL B 68 4.97 -2.14 -11.17
C VAL B 68 5.99 -3.22 -10.89
N SER B 69 7.11 -2.80 -10.32
CA SER B 69 8.12 -3.69 -9.77
C SER B 69 8.53 -3.06 -8.45
N MET B 70 8.52 -3.83 -7.37
CA MET B 70 8.97 -3.32 -6.08
C MET B 70 10.18 -4.10 -5.62
N THR B 71 11.21 -3.37 -5.16
CA THR B 71 12.44 -3.97 -4.67
C THR B 71 12.95 -3.17 -3.48
N ARG B 72 14.05 -3.63 -2.90
CA ARG B 72 14.68 -2.94 -1.79
C ARG B 72 16.15 -3.32 -1.72
N ASP B 73 16.92 -2.44 -1.08
CA ASP B 73 18.33 -2.65 -0.76
C ASP B 73 18.49 -2.65 0.75
N THR B 74 18.63 -3.87 1.30
CA THR B 74 18.71 -4.03 2.74
C THR B 74 20.06 -3.58 3.30
N SER B 75 21.07 -3.40 2.45
CA SER B 75 22.35 -2.94 2.97
C SER B 75 22.38 -1.44 3.25
N ILE B 76 21.40 -0.69 2.74
CA ILE B 76 21.34 0.76 2.97
C ILE B 76 19.92 1.11 3.40
N ASP B 77 19.15 0.09 3.75
CA ASP B 77 17.80 0.21 4.30
C ASP B 77 16.93 1.16 3.46
N THR B 78 16.96 0.96 2.14
CA THR B 78 16.17 1.80 1.24
C THR B 78 15.28 0.95 0.35
N ALA B 79 14.03 1.34 0.17
CA ALA B 79 13.19 0.63 -0.78
C ALA B 79 12.94 1.46 -2.04
N TYR B 80 12.69 0.76 -3.14
CA TYR B 80 12.52 1.35 -4.46
C TYR B 80 11.29 0.80 -5.16
N LEU B 81 10.57 1.71 -5.82
CA LEU B 81 9.44 1.38 -6.68
C LEU B 81 9.79 1.78 -8.11
N GLU B 82 9.62 0.84 -9.04
CA GLU B 82 9.78 1.08 -10.48
C GLU B 82 8.42 0.93 -11.14
N LEU B 83 8.04 1.95 -11.92
CA LEU B 83 6.82 1.96 -12.72
C LEU B 83 7.09 2.10 -14.21
N ILE B 84 6.52 1.18 -15.00
CA ILE B 84 6.75 1.13 -16.44
C ILE B 84 5.45 1.52 -17.16
N ASN B 85 5.57 1.74 -18.48
CA ASN B 85 4.43 2.07 -19.33
C ASN B 85 3.66 3.29 -18.84
N LEU B 86 4.39 4.33 -18.43
CA LEU B 86 3.71 5.49 -17.88
C LEU B 86 2.71 6.03 -18.88
N ARG B 87 1.57 6.51 -18.38
CA ARG B 87 0.61 7.21 -19.20
C ARG B 87 0.10 8.41 -18.41
N SER B 88 -0.67 9.24 -19.10
CA SER B 88 -1.11 10.53 -18.55
C SER B 88 -1.70 10.41 -17.16
N ASP B 89 -2.54 9.41 -16.94
CA ASP B 89 -3.28 9.26 -15.68
C ASP B 89 -2.46 8.60 -14.57
N ASP B 90 -1.15 8.46 -14.74
CA ASP B 90 -0.21 8.16 -13.65
C ASP B 90 0.31 9.41 -12.93
N THR B 91 -0.04 10.61 -13.37
CA THR B 91 0.34 11.83 -12.67
C THR B 91 -0.21 11.87 -11.25
N ALA B 92 0.67 12.04 -10.25
CA ALA B 92 0.22 11.93 -8.85
C ALA B 92 1.37 12.19 -7.89
N ILE B 93 1.02 12.42 -6.61
CA ILE B 93 2.00 12.42 -5.52
C ILE B 93 2.09 11.02 -4.92
N TYR B 94 3.28 10.44 -4.88
CA TYR B 94 3.51 9.10 -4.36
C TYR B 94 4.11 9.07 -2.95
N TYR B 95 3.59 8.16 -2.10
CA TYR B 95 3.98 8.00 -0.71
C TYR B 95 4.32 6.54 -0.43
N CYS B 96 5.37 6.32 0.34
CA CYS B 96 5.58 5.04 1.02
C CYS B 96 5.19 5.21 2.48
N ALA B 97 4.75 4.12 3.10
CA ALA B 97 4.31 4.27 4.49
C ALA B 97 4.32 2.93 5.21
N ARG B 98 4.40 3.01 6.54
CA ARG B 98 4.30 1.79 7.34
C ARG B 98 3.56 2.06 8.64
N SER B 99 2.98 0.99 9.20
CA SER B 99 2.29 1.02 10.47
C SER B 99 3.26 1.03 11.65
N PHE B 100 2.82 1.64 12.75
CA PHE B 100 3.58 1.56 13.99
C PHE B 100 3.44 0.19 14.66
N ASP B 101 2.43 -0.58 14.29
CA ASP B 101 2.06 -1.81 14.99
C ASP B 101 2.40 -3.00 14.10
N SER B 102 2.87 -4.09 14.73
CA SER B 102 3.26 -5.28 13.99
C SER B 102 2.18 -6.34 13.88
N ASP B 103 1.11 -6.26 14.67
CA ASP B 103 0.02 -7.21 14.45
C ASP B 103 -0.86 -6.79 13.29
N TYR B 104 -1.29 -5.53 13.26
CA TYR B 104 -2.06 -4.97 12.16
C TYR B 104 -1.16 -3.91 11.54
N GLU B 105 -0.69 -4.21 10.33
CA GLU B 105 0.33 -3.43 9.64
C GLU B 105 -0.25 -2.37 8.71
N TRP B 106 -1.38 -1.76 9.09
CA TRP B 106 -2.05 -0.75 8.28
C TRP B 106 -2.44 0.48 9.10
N TRP B 107 -1.84 0.69 10.26
CA TRP B 107 -2.07 1.90 11.05
C TRP B 107 -0.97 2.90 10.76
N PHE B 108 -1.18 3.71 9.72
CA PHE B 108 -0.12 4.50 9.14
C PHE B 108 0.33 5.71 9.93
N THR B 109 1.28 5.51 10.83
CA THR B 109 1.81 6.61 11.63
C THR B 109 2.92 7.31 10.86
N TYR B 110 3.69 6.55 10.09
CA TYR B 110 4.91 7.05 9.47
C TYR B 110 4.75 7.04 7.95
N TRP B 111 4.90 8.22 7.34
CA TRP B 111 4.73 8.48 5.93
C TRP B 111 5.98 9.18 5.42
N GLY B 112 6.35 8.89 4.19
CA GLY B 112 7.30 9.73 3.49
C GLY B 112 6.75 11.11 3.20
N GLN B 113 7.66 11.99 2.80
CA GLN B 113 7.31 13.38 2.51
C GLN B 113 6.57 13.55 1.19
N GLY B 114 6.51 12.51 0.38
CA GLY B 114 5.86 12.49 -0.92
C GLY B 114 6.81 12.87 -2.05
N THR B 115 6.54 12.30 -3.22
CA THR B 115 7.28 12.61 -4.44
C THR B 115 6.27 12.98 -5.51
N LEU B 116 6.39 14.18 -6.08
CA LEU B 116 5.50 14.54 -7.18
C LEU B 116 6.02 13.90 -8.46
N VAL B 117 5.17 13.16 -9.16
CA VAL B 117 5.48 12.66 -10.49
C VAL B 117 4.52 13.25 -11.51
N SER B 118 5.08 14.00 -12.47
CA SER B 118 4.33 14.64 -13.55
C SER B 118 4.65 13.91 -14.84
N VAL B 119 3.63 13.36 -15.51
CA VAL B 119 3.84 12.62 -16.76
C VAL B 119 3.19 13.41 -17.89
N SER B 120 4.00 13.86 -18.83
CA SER B 120 3.52 14.65 -19.96
C SER B 120 4.49 14.50 -21.14
N SER B 121 3.93 14.60 -22.34
CA SER B 121 4.78 14.66 -23.53
C SER B 121 5.63 15.91 -23.56
N ALA B 122 5.22 16.96 -22.86
CA ALA B 122 5.95 18.22 -22.85
C ALA B 122 7.20 18.15 -21.99
N SER B 123 8.24 18.85 -22.44
CA SER B 123 9.41 19.19 -21.64
C SER B 123 9.19 20.53 -20.93
N THR B 124 10.15 20.90 -20.08
CA THR B 124 10.05 22.14 -19.31
C THR B 124 9.79 23.31 -20.23
N THR B 125 8.68 24.00 -19.98
CA THR B 125 8.17 25.05 -20.86
C THR B 125 7.80 26.28 -20.03
N PRO B 126 8.32 27.46 -20.36
CA PRO B 126 7.98 28.65 -19.58
C PRO B 126 6.56 29.11 -19.85
N PRO B 127 5.93 29.79 -18.89
CA PRO B 127 4.57 30.31 -19.08
C PRO B 127 4.51 31.54 -19.98
N SER B 128 3.38 31.69 -20.67
CA SER B 128 2.97 32.99 -21.19
C SER B 128 2.16 33.72 -20.11
N VAL B 129 2.46 35.00 -19.90
CA VAL B 129 1.84 35.79 -18.85
C VAL B 129 1.04 36.93 -19.48
N TYR B 130 -0.26 36.99 -19.19
CA TYR B 130 -1.07 38.01 -19.82
C TYR B 130 -1.77 38.85 -18.75
N PRO B 131 -1.80 40.17 -18.92
CA PRO B 131 -2.49 41.02 -17.94
C PRO B 131 -3.99 41.08 -18.17
N LEU B 132 -4.75 41.11 -17.08
CA LEU B 132 -6.20 41.27 -17.13
C LEU B 132 -6.50 42.59 -16.45
N ALA B 133 -6.72 43.61 -17.26
CA ALA B 133 -7.19 44.94 -16.93
C ALA B 133 -8.62 45.09 -17.43
N PRO B 134 -9.45 45.94 -16.84
CA PRO B 134 -10.83 46.04 -17.34
C PRO B 134 -10.88 46.48 -18.80
N GLY B 135 -11.96 46.06 -19.46
CA GLY B 135 -12.24 46.50 -20.81
C GLY B 135 -12.45 48.00 -20.90
N SER B 136 -12.21 48.57 -22.09
CA SER B 136 -12.36 50.02 -22.24
C SER B 136 -13.72 50.45 -21.69
N ALA B 137 -14.79 49.78 -22.13
CA ALA B 137 -16.16 50.11 -21.75
C ALA B 137 -16.62 49.38 -20.48
N ALA B 138 -15.71 48.64 -19.82
CA ALA B 138 -16.02 48.00 -18.55
C ALA B 138 -16.59 49.02 -17.58
N GLN B 139 -17.64 48.65 -16.85
CA GLN B 139 -18.16 49.64 -15.93
C GLN B 139 -17.21 49.81 -14.76
N THR B 140 -17.09 51.05 -14.31
CA THR B 140 -16.21 51.45 -13.22
C THR B 140 -16.99 51.45 -11.91
N ASN B 141 -16.54 50.65 -10.94
CA ASN B 141 -17.17 50.67 -9.63
C ASN B 141 -16.20 51.31 -8.63
N SER B 142 -16.57 51.29 -7.35
CA SER B 142 -15.70 51.88 -6.33
C SER B 142 -14.42 51.07 -6.16
N MET B 143 -14.49 49.78 -6.42
CA MET B 143 -13.35 48.90 -6.35
C MET B 143 -13.12 48.38 -7.77
N VAL B 144 -11.88 48.01 -8.06
CA VAL B 144 -11.54 47.40 -9.34
C VAL B 144 -10.81 46.10 -9.08
N THR B 145 -11.18 45.08 -9.86
CA THR B 145 -10.56 43.76 -9.80
C THR B 145 -9.65 43.65 -11.02
N LEU B 146 -8.41 43.26 -10.79
CA LEU B 146 -7.43 43.02 -11.84
C LEU B 146 -7.00 41.57 -11.75
N GLY B 147 -6.30 41.11 -12.79
CA GLY B 147 -5.88 39.72 -12.78
C GLY B 147 -4.62 39.52 -13.59
N CYS B 148 -4.09 38.32 -13.46
CA CYS B 148 -2.96 37.89 -14.26
C CYS B 148 -3.22 36.45 -14.68
N LEU B 149 -3.10 36.17 -15.98
CA LEU B 149 -3.29 34.83 -16.53
C LEU B 149 -1.95 34.21 -16.86
N VAL B 150 -1.65 33.07 -16.26
CA VAL B 150 -0.37 32.39 -16.39
C VAL B 150 -0.61 31.07 -17.10
N LYS B 151 -0.39 31.01 -18.41
CA LYS B 151 -0.91 29.92 -19.24
C LYS B 151 0.22 29.12 -19.85
N GLY B 152 0.05 27.80 -19.82
CA GLY B 152 0.85 26.88 -20.60
C GLY B 152 2.25 26.66 -20.08
N TYR B 153 2.41 26.48 -18.78
CA TYR B 153 3.73 26.25 -18.24
C TYR B 153 3.85 24.83 -17.71
N PHE B 154 5.10 24.42 -17.52
CA PHE B 154 5.40 23.14 -16.90
C PHE B 154 6.84 23.19 -16.44
N PRO B 155 7.13 22.71 -15.22
CA PRO B 155 6.15 22.17 -14.29
C PRO B 155 5.63 23.22 -13.31
N GLU B 156 4.83 22.76 -12.35
CA GLU B 156 4.49 23.55 -11.19
C GLU B 156 5.74 23.72 -10.31
N PRO B 157 5.79 24.76 -9.47
CA PRO B 157 4.81 25.80 -9.15
C PRO B 157 5.09 27.18 -9.72
N VAL B 158 4.12 28.09 -9.54
CA VAL B 158 4.33 29.52 -9.67
C VAL B 158 3.97 30.20 -8.34
N THR B 159 4.56 31.38 -8.13
CA THR B 159 4.16 32.27 -7.04
C THR B 159 3.69 33.60 -7.63
N VAL B 160 2.70 34.21 -6.98
CA VAL B 160 2.17 35.52 -7.39
C VAL B 160 2.17 36.46 -6.19
N THR B 161 2.66 37.67 -6.40
CA THR B 161 2.51 38.75 -5.43
C THR B 161 1.99 39.99 -6.15
N TRP B 162 1.63 41.00 -5.36
CA TRP B 162 1.02 42.22 -5.88
C TRP B 162 1.79 43.40 -5.32
N ASN B 163 2.21 44.29 -6.21
CA ASN B 163 3.16 45.38 -5.92
C ASN B 163 4.32 44.84 -5.09
N SER B 164 4.84 43.70 -5.55
CA SER B 164 6.01 43.02 -5.01
C SER B 164 5.83 42.67 -3.53
N GLY B 165 4.59 42.39 -3.12
CA GLY B 165 4.30 41.97 -1.76
C GLY B 165 4.04 43.06 -0.74
N SER B 166 4.17 44.35 -1.10
CA SER B 166 3.86 45.39 -0.12
C SER B 166 2.36 45.55 0.11
N LEU B 167 1.53 45.14 -0.84
CA LEU B 167 0.10 44.96 -0.64
C LEU B 167 -0.18 43.48 -0.39
N SER B 168 -0.53 43.15 0.85
CA SER B 168 -0.88 41.79 1.24
C SER B 168 -2.32 41.74 1.75
N SER B 169 -3.17 42.52 1.07
CA SER B 169 -4.63 42.50 1.22
C SER B 169 -5.26 42.27 -0.14
N GLY B 170 -6.31 41.43 -0.18
CA GLY B 170 -7.02 41.33 -1.44
C GLY B 170 -6.43 40.42 -2.49
N VAL B 171 -5.58 39.46 -2.12
CA VAL B 171 -4.94 38.56 -3.08
C VAL B 171 -5.63 37.20 -3.02
N HIS B 172 -5.89 36.65 -4.21
CA HIS B 172 -6.39 35.30 -4.43
C HIS B 172 -5.50 34.57 -5.43
N THR B 173 -4.93 33.43 -5.03
CA THR B 173 -4.20 32.57 -5.96
C THR B 173 -4.96 31.26 -6.18
N PHE B 174 -5.33 30.96 -7.56
CA PHE B 174 -6.17 29.89 -8.10
C PHE B 174 -5.37 28.64 -8.47
N PRO B 175 -5.98 27.46 -8.30
CA PRO B 175 -5.33 26.19 -8.65
C PRO B 175 -5.03 26.05 -10.13
N ALA B 176 -3.96 25.33 -10.45
CA ALA B 176 -3.57 25.13 -11.85
C ALA B 176 -4.60 24.24 -12.55
N VAL B 177 -4.76 24.45 -13.86
CA VAL B 177 -5.61 23.59 -14.69
C VAL B 177 -4.85 22.97 -15.86
N LEU B 178 -5.20 21.71 -16.15
CA LEU B 178 -4.68 20.95 -17.28
C LEU B 178 -5.43 21.39 -18.54
N GLN B 179 -4.73 21.46 -19.68
CA GLN B 179 -5.35 21.95 -20.90
C GLN B 179 -4.71 21.39 -22.16
N SER B 180 -3.44 20.99 -22.05
CA SER B 180 -2.70 20.46 -23.18
C SER B 180 -1.38 19.97 -22.65
N ASP B 181 -1.43 19.14 -21.62
CA ASP B 181 -0.27 18.49 -21.02
C ASP B 181 0.55 19.52 -20.25
N LEU B 182 0.06 20.75 -20.18
CA LEU B 182 0.67 21.85 -19.46
C LEU B 182 -0.34 22.44 -18.47
N TYR B 183 0.18 23.11 -17.44
CA TYR B 183 -0.64 23.75 -16.42
C TYR B 183 -0.89 25.22 -16.74
N THR B 184 -2.04 25.71 -16.28
CA THR B 184 -2.46 27.10 -16.36
C THR B 184 -3.12 27.51 -15.05
N LEU B 185 -2.80 28.71 -14.56
CA LEU B 185 -3.53 29.29 -13.44
C LEU B 185 -3.69 30.79 -13.62
N SER B 186 -4.45 31.41 -12.72
CA SER B 186 -4.64 32.86 -12.74
C SER B 186 -4.69 33.38 -11.32
N SER B 187 -4.52 34.70 -11.18
CA SER B 187 -4.54 35.38 -9.88
C SER B 187 -5.33 36.67 -9.97
N SER B 188 -6.16 36.95 -8.96
CA SER B 188 -6.93 38.19 -8.90
C SER B 188 -6.50 39.06 -7.71
N VAL B 189 -6.60 40.38 -7.91
CA VAL B 189 -6.35 41.40 -6.86
C VAL B 189 -7.41 42.49 -6.93
N THR B 190 -7.89 42.96 -5.77
CA THR B 190 -8.93 43.99 -5.74
C THR B 190 -8.41 45.23 -5.02
N VAL B 191 -8.44 46.38 -5.68
CA VAL B 191 -7.95 47.62 -5.07
C VAL B 191 -8.96 48.73 -5.29
N PRO B 192 -8.90 49.80 -4.49
CA PRO B 192 -9.83 50.92 -4.72
C PRO B 192 -9.58 51.59 -6.07
N SER B 193 -10.68 51.94 -6.76
CA SER B 193 -10.55 52.64 -8.04
C SER B 193 -9.85 53.99 -7.92
N SER B 194 -9.91 54.63 -6.75
CA SER B 194 -9.25 55.93 -6.56
C SER B 194 -7.74 55.87 -6.48
N THR B 195 -7.15 54.68 -6.33
CA THR B 195 -5.71 54.54 -6.14
C THR B 195 -5.01 53.98 -7.35
N TRP B 196 -5.77 53.54 -8.36
CA TRP B 196 -5.28 53.07 -9.64
C TRP B 196 -6.23 53.60 -10.71
N PRO B 197 -5.71 54.17 -11.80
CA PRO B 197 -4.29 54.17 -12.19
C PRO B 197 -3.40 55.25 -11.60
N SER B 198 -3.89 56.04 -10.64
CA SER B 198 -3.06 57.15 -10.15
C SER B 198 -1.78 56.65 -9.51
N GLU B 199 -1.79 55.45 -8.95
CA GLU B 199 -0.61 54.82 -8.38
C GLU B 199 -0.44 53.42 -8.97
N THR B 200 0.80 52.91 -8.92
CA THR B 200 1.16 51.69 -9.65
C THR B 200 0.54 50.45 -9.01
N VAL B 201 0.10 49.51 -9.87
CA VAL B 201 -0.31 48.16 -9.49
C VAL B 201 0.37 47.17 -10.42
N THR B 202 1.11 46.21 -9.87
CA THR B 202 1.92 45.28 -10.63
C THR B 202 1.75 43.85 -10.11
N CYS B 203 1.52 42.88 -11.00
CA CYS B 203 1.58 41.50 -10.53
C CYS B 203 2.97 40.98 -10.78
N ASN B 204 3.47 40.23 -9.79
CA ASN B 204 4.82 39.70 -9.78
C ASN B 204 4.70 38.20 -9.84
N VAL B 205 5.17 37.62 -10.92
CA VAL B 205 5.05 36.20 -11.19
C VAL B 205 6.43 35.60 -11.11
N ALA B 206 6.55 34.47 -10.41
CA ALA B 206 7.83 33.80 -10.31
C ALA B 206 7.62 32.33 -10.63
N HIS B 207 8.41 31.81 -11.57
CA HIS B 207 8.35 30.41 -11.97
C HIS B 207 9.76 29.87 -11.85
N PRO B 208 10.19 29.48 -10.64
CA PRO B 208 11.59 29.07 -10.44
C PRO B 208 12.06 28.01 -11.43
N ALA B 209 11.16 27.07 -11.79
CA ALA B 209 11.55 25.96 -12.64
C ALA B 209 12.11 26.42 -13.98
N SER B 210 11.73 27.61 -14.43
CA SER B 210 12.23 28.15 -15.70
C SER B 210 13.03 29.42 -15.48
N SER B 211 13.42 29.72 -14.23
CA SER B 211 14.16 30.94 -13.89
C SER B 211 13.39 32.19 -14.32
N THR B 212 12.06 32.11 -14.31
CA THR B 212 11.22 33.23 -14.74
C THR B 212 10.82 34.10 -13.56
N LYS B 213 11.03 35.41 -13.70
CA LYS B 213 10.49 36.41 -12.80
C LYS B 213 10.00 37.62 -13.58
N VAL B 214 8.69 37.88 -13.51
CA VAL B 214 8.06 38.86 -14.38
C VAL B 214 7.27 39.83 -13.52
N ASP B 215 7.33 41.11 -13.87
CA ASP B 215 6.48 42.15 -13.31
C ASP B 215 5.55 42.63 -14.41
N LYS B 216 4.26 42.77 -14.10
CA LYS B 216 3.31 43.30 -15.08
C LYS B 216 2.59 44.49 -14.46
N LYS B 217 2.87 45.70 -14.94
CA LYS B 217 2.11 46.86 -14.50
C LYS B 217 0.73 46.83 -15.15
N ILE B 218 -0.31 47.05 -14.35
CA ILE B 218 -1.66 47.17 -14.85
C ILE B 218 -2.02 48.63 -15.13
N VAL B 219 -2.24 48.99 -16.40
CA VAL B 219 -2.68 50.35 -16.72
C VAL B 219 -3.97 50.12 -17.51
N PRO B 220 -4.94 51.03 -17.53
CA PRO B 220 -6.15 50.75 -18.34
C PRO B 220 -5.70 50.64 -19.78
N ARG B 221 -6.39 49.86 -20.61
CA ARG B 221 -5.98 49.85 -22.01
C ARG B 221 -7.02 50.35 -22.98
N ASP B 222 -6.52 51.09 -23.98
CA ASP B 222 -7.25 51.49 -25.18
C ASP B 222 -6.98 50.40 -26.22
N CYS B 223 -8.03 49.75 -26.72
CA CYS B 223 -7.83 48.83 -27.85
C CYS B 223 -7.15 49.54 -29.02
N ASP B 224 -6.04 48.96 -29.49
CA ASP B 224 -5.27 49.50 -30.63
C ASP B 224 -6.15 49.73 -31.86
N GLU C 1 -14.96 -8.02 -1.25
CA GLU C 1 -14.29 -6.73 -1.13
C GLU C 1 -15.06 -5.74 -0.26
N ILE C 2 -14.33 -4.98 0.56
CA ILE C 2 -14.96 -3.95 1.36
C ILE C 2 -15.20 -2.70 0.51
N VAL C 3 -16.42 -2.18 0.55
CA VAL C 3 -16.75 -0.90 -0.06
C VAL C 3 -17.12 0.06 1.06
N LEU C 4 -16.37 1.14 1.21
CA LEU C 4 -16.56 2.10 2.30
C LEU C 4 -17.14 3.41 1.77
N THR C 5 -18.37 3.72 2.18
CA THR C 5 -19.06 4.93 1.73
C THR C 5 -18.98 5.96 2.84
N GLN C 6 -18.31 7.08 2.59
CA GLN C 6 -18.16 8.14 3.57
C GLN C 6 -19.17 9.23 3.32
N SER C 7 -19.70 9.80 4.39
CA SER C 7 -20.63 10.90 4.22
C SER C 7 -20.50 11.90 5.35
N PRO C 8 -20.87 13.18 5.11
CA PRO C 8 -21.20 13.62 3.74
C PRO C 8 -19.95 13.78 2.83
N GLY C 9 -20.14 14.08 1.54
CA GLY C 9 -18.99 14.40 0.69
C GLY C 9 -18.28 15.65 1.14
N THR C 10 -19.06 16.65 1.55
CA THR C 10 -18.58 17.93 2.05
C THR C 10 -19.37 18.18 3.32
N LEU C 11 -18.70 18.57 4.39
CA LEU C 11 -19.39 18.86 5.65
C LEU C 11 -19.21 20.33 5.98
N SER C 12 -20.33 21.04 6.07
CA SER C 12 -20.34 22.48 6.29
C SER C 12 -20.89 22.72 7.69
N LEU C 13 -20.03 23.18 8.58
CA LEU C 13 -20.37 23.35 9.99
C LEU C 13 -19.71 24.62 10.48
N SER C 14 -20.29 25.20 11.51
CA SER C 14 -19.64 26.38 12.04
C SER C 14 -18.54 25.93 13.00
N PRO C 15 -17.48 26.72 13.15
CA PRO C 15 -16.47 26.40 14.16
C PRO C 15 -17.10 26.34 15.55
N GLY C 16 -16.60 25.43 16.37
CA GLY C 16 -17.19 25.17 17.67
C GLY C 16 -18.27 24.11 17.71
N GLU C 17 -18.85 23.74 16.57
CA GLU C 17 -19.85 22.69 16.54
C GLU C 17 -19.20 21.31 16.51
N ARG C 18 -20.02 20.30 16.77
CA ARG C 18 -19.60 18.91 16.78
C ARG C 18 -19.83 18.32 15.40
N ALA C 19 -18.81 17.66 14.87
CA ALA C 19 -18.85 17.01 13.56
C ALA C 19 -19.06 15.51 13.73
N THR C 20 -19.96 14.97 12.92
CA THR C 20 -20.21 13.53 12.88
C THR C 20 -19.99 13.03 11.46
N LEU C 21 -18.94 12.22 11.28
CA LEU C 21 -18.59 11.70 9.97
C LEU C 21 -18.96 10.23 9.92
N SER C 22 -19.53 9.81 8.79
CA SER C 22 -20.11 8.49 8.60
C SER C 22 -19.27 7.67 7.61
N CYS C 23 -19.13 6.38 7.90
CA CYS C 23 -18.47 5.43 7.02
C CYS C 23 -19.29 4.15 7.05
N ARG C 24 -19.85 3.77 5.90
CA ARG C 24 -20.76 2.63 5.78
C ARG C 24 -20.12 1.54 4.93
N ALA C 25 -20.02 0.34 5.48
CA ALA C 25 -19.43 -0.77 4.74
C ALA C 25 -20.48 -1.55 3.98
N SER C 26 -20.06 -2.22 2.90
CA SER C 26 -21.01 -2.96 2.07
C SER C 26 -21.38 -4.30 2.71
N TYR C 27 -20.66 -4.72 3.75
CA TYR C 27 -20.96 -5.89 4.58
C TYR C 27 -20.24 -5.71 5.91
N PHE C 28 -20.40 -6.68 6.80
CA PHE C 28 -19.88 -6.57 8.15
C PHE C 28 -18.36 -6.63 8.15
N ILE C 29 -17.71 -5.57 8.67
CA ILE C 29 -16.26 -5.48 8.66
C ILE C 29 -15.63 -5.48 10.05
N SER C 30 -16.41 -5.76 11.10
CA SER C 30 -15.94 -5.88 12.48
C SER C 30 -15.63 -4.52 13.10
N ARG C 31 -15.47 -4.47 14.42
CA ARG C 31 -15.05 -3.26 15.13
C ARG C 31 -13.55 -3.22 15.38
N ASP C 32 -12.80 -4.22 14.91
CA ASP C 32 -11.43 -4.37 15.40
C ASP C 32 -10.43 -3.42 14.76
N TYR C 33 -10.66 -2.98 13.52
CA TYR C 33 -9.54 -2.39 12.80
C TYR C 33 -9.80 -1.05 12.14
N LEU C 34 -11.05 -0.75 11.77
CA LEU C 34 -11.30 0.43 10.96
C LEU C 34 -10.67 1.66 11.59
N ALA C 35 -10.01 2.45 10.75
CA ALA C 35 -9.21 3.59 11.17
C ALA C 35 -9.64 4.81 10.38
N TRP C 36 -9.39 5.97 10.98
CA TRP C 36 -9.67 7.25 10.35
C TRP C 36 -8.39 8.05 10.26
N TYR C 37 -8.26 8.79 9.15
CA TYR C 37 -7.11 9.62 8.88
C TYR C 37 -7.56 11.03 8.57
N GLN C 38 -6.68 11.97 8.90
CA GLN C 38 -6.73 13.38 8.54
C GLN C 38 -5.70 13.74 7.50
N GLN C 39 -6.09 14.59 6.55
CA GLN C 39 -5.17 15.14 5.56
C GLN C 39 -5.42 16.63 5.44
N ARG C 40 -4.39 17.39 5.59
CA ARG C 40 -4.38 18.82 5.34
C ARG C 40 -3.82 19.12 3.97
N PRO C 41 -4.19 20.24 3.36
CA PRO C 41 -3.66 20.57 2.04
C PRO C 41 -2.13 20.57 2.05
N GLY C 42 -1.55 19.89 1.07
CA GLY C 42 -0.12 19.82 0.89
C GLY C 42 0.63 18.88 1.81
N GLN C 43 -0.07 18.01 2.52
CA GLN C 43 0.56 17.07 3.45
C GLN C 43 0.03 15.66 3.17
N ALA C 44 0.82 14.67 3.57
CA ALA C 44 0.34 13.31 3.62
C ALA C 44 -0.79 13.18 4.65
N PRO C 45 -1.67 12.19 4.50
CA PRO C 45 -2.67 11.95 5.53
C PRO C 45 -2.03 11.60 6.87
N LYS C 46 -2.78 11.85 7.93
CA LYS C 46 -2.37 11.57 9.30
C LYS C 46 -3.35 10.66 10.03
N LEU C 47 -2.83 9.60 10.64
CA LEU C 47 -3.67 8.68 11.39
C LEU C 47 -4.24 9.35 12.62
N LEU C 48 -5.57 9.30 12.76
CA LEU C 48 -6.30 9.87 13.88
C LEU C 48 -6.76 8.82 14.87
N ILE C 49 -7.48 7.81 14.40
CA ILE C 49 -8.12 6.81 15.25
C ILE C 49 -7.82 5.45 14.66
N TYR C 50 -7.53 4.48 15.53
CA TYR C 50 -7.33 3.10 15.16
C TYR C 50 -8.07 2.17 16.10
N GLY C 51 -8.42 1.01 15.59
CA GLY C 51 -9.20 0.03 16.32
C GLY C 51 -10.53 0.59 16.78
N THR C 52 -11.18 1.34 15.88
CA THR C 52 -12.50 1.92 16.05
C THR C 52 -12.47 3.08 17.04
N THR C 53 -11.84 2.89 18.19
CA THR C 53 -11.98 3.88 19.25
C THR C 53 -10.69 4.44 19.85
N THR C 54 -9.53 3.86 19.59
CA THR C 54 -8.36 4.28 20.36
C THR C 54 -7.60 5.42 19.67
N ARG C 55 -7.48 6.55 20.35
CA ARG C 55 -6.71 7.68 19.87
C ARG C 55 -5.23 7.36 19.97
N ALA C 56 -4.48 7.69 18.91
CA ALA C 56 -3.03 7.56 19.01
C ALA C 56 -2.47 8.65 19.91
N SER C 57 -1.16 8.90 19.77
CA SER C 57 -0.46 9.93 20.51
C SER C 57 -0.67 11.29 19.86
N GLY C 58 -0.88 12.34 20.67
CA GLY C 58 -1.07 13.66 20.10
C GLY C 58 -2.41 13.95 19.46
N ILE C 59 -3.35 13.02 19.49
CA ILE C 59 -4.67 13.26 18.91
C ILE C 59 -5.53 14.00 19.92
N PRO C 60 -6.21 15.08 19.52
CA PRO C 60 -6.99 15.86 20.50
C PRO C 60 -8.17 15.11 21.08
N ASP C 61 -8.52 15.49 22.31
CA ASP C 61 -9.60 14.83 23.03
C ASP C 61 -10.95 14.98 22.33
N ARG C 62 -11.09 16.02 21.49
CA ARG C 62 -12.34 16.27 20.78
C ARG C 62 -12.67 15.25 19.71
N PHE C 63 -11.71 14.41 19.33
CA PHE C 63 -11.96 13.29 18.44
C PHE C 63 -12.32 12.06 19.25
N SER C 64 -13.46 11.46 18.93
CA SER C 64 -13.90 10.24 19.58
C SER C 64 -14.48 9.35 18.50
N GLY C 65 -14.24 8.04 18.64
CA GLY C 65 -14.70 7.10 17.65
C GLY C 65 -15.73 6.14 18.18
N SER C 66 -16.66 5.74 17.30
CA SER C 66 -17.65 4.74 17.64
C SER C 66 -18.01 4.00 16.36
N GLY C 67 -18.79 2.93 16.50
CA GLY C 67 -19.14 2.17 15.33
C GLY C 67 -19.67 0.81 15.69
N SER C 68 -20.48 0.25 14.80
CA SER C 68 -21.13 -1.02 15.03
C SER C 68 -20.33 -2.20 14.51
N GLY C 69 -19.25 -1.95 13.78
CA GLY C 69 -18.53 -2.97 13.07
C GLY C 69 -18.82 -3.00 11.59
N THR C 70 -19.89 -2.35 11.16
CA THR C 70 -20.19 -2.15 9.75
C THR C 70 -20.20 -0.66 9.45
N ASP C 71 -20.89 0.11 10.27
CA ASP C 71 -20.94 1.56 10.15
C ASP C 71 -20.19 2.18 11.31
N PHE C 72 -19.41 3.19 10.99
CA PHE C 72 -18.54 3.86 11.95
C PHE C 72 -18.73 5.36 11.87
N THR C 73 -18.41 5.99 12.99
CA THR C 73 -18.64 7.41 13.18
C THR C 73 -17.43 7.98 13.87
N LEU C 74 -16.98 9.11 13.32
CA LEU C 74 -15.95 9.95 13.92
C LEU C 74 -16.63 11.22 14.40
N THR C 75 -16.48 11.50 15.69
CA THR C 75 -17.07 12.66 16.31
C THR C 75 -15.96 13.62 16.66
N ILE C 76 -16.12 14.87 16.26
CA ILE C 76 -15.27 15.97 16.65
C ILE C 76 -16.10 16.86 17.58
N SER C 77 -15.85 16.76 18.89
CA SER C 77 -16.82 17.27 19.85
C SER C 77 -17.01 18.76 19.70
N ARG C 78 -15.95 19.48 19.35
CA ARG C 78 -16.02 20.92 19.19
C ARG C 78 -14.96 21.28 18.14
N LEU C 79 -15.41 21.68 16.95
CA LEU C 79 -14.47 21.86 15.85
C LEU C 79 -13.57 23.05 16.12
N GLU C 80 -12.27 22.84 16.04
CA GLU C 80 -11.40 24.01 16.05
C GLU C 80 -11.02 24.38 14.63
N PRO C 81 -10.55 25.59 14.40
CA PRO C 81 -10.21 26.01 13.03
C PRO C 81 -9.24 25.09 12.30
N GLU C 82 -8.26 24.50 13.01
CA GLU C 82 -7.27 23.69 12.31
C GLU C 82 -7.78 22.30 11.98
N ASP C 83 -8.97 21.95 12.43
CA ASP C 83 -9.54 20.63 12.20
C ASP C 83 -10.28 20.53 10.87
N PHE C 84 -10.45 21.66 10.18
CA PHE C 84 -11.13 21.70 8.89
C PHE C 84 -10.13 21.22 7.84
N ALA C 85 -10.36 20.02 7.31
CA ALA C 85 -9.41 19.25 6.51
C ALA C 85 -10.20 18.09 5.89
N VAL C 86 -9.51 17.18 5.23
CA VAL C 86 -10.20 16.04 4.60
C VAL C 86 -10.00 14.83 5.49
N TYR C 87 -11.06 14.03 5.63
CA TYR C 87 -11.05 12.87 6.51
C TYR C 87 -11.42 11.61 5.75
N TYR C 88 -10.62 10.57 5.92
CA TYR C 88 -10.81 9.28 5.27
C TYR C 88 -11.03 8.19 6.31
N CYS C 89 -11.87 7.20 5.98
CA CYS C 89 -11.89 5.95 6.73
C CYS C 89 -11.21 4.88 5.91
N GLN C 90 -10.73 3.84 6.60
CA GLN C 90 -9.93 2.84 5.92
C GLN C 90 -9.87 1.59 6.78
N GLN C 91 -9.78 0.45 6.11
CA GLN C 91 -9.47 -0.82 6.73
C GLN C 91 -8.76 -1.63 5.66
N TYR C 92 -7.65 -2.27 6.03
CA TYR C 92 -6.76 -2.92 5.07
C TYR C 92 -6.43 -1.96 3.94
N GLU C 93 -6.49 -2.44 2.70
CA GLU C 93 -6.15 -1.60 1.55
C GLU C 93 -7.30 -0.72 1.10
N PHE C 94 -8.42 -0.71 1.81
CA PHE C 94 -9.61 -0.03 1.32
C PHE C 94 -9.81 1.30 2.03
N PHE C 95 -10.07 2.33 1.23
CA PHE C 95 -10.28 3.70 1.68
C PHE C 95 -11.64 4.20 1.23
N GLY C 96 -12.24 5.03 2.07
CA GLY C 96 -13.36 5.85 1.68
C GLY C 96 -12.93 6.98 0.75
N LEU C 97 -13.92 7.61 0.12
CA LEU C 97 -13.63 8.67 -0.84
C LEU C 97 -13.39 10.03 -0.21
N GLY C 98 -13.57 10.14 1.11
CA GLY C 98 -13.19 11.28 1.92
C GLY C 98 -14.37 12.18 2.24
N THR C 99 -14.27 12.88 3.38
CA THR C 99 -15.19 13.94 3.77
C THR C 99 -14.41 15.22 4.02
N LYS C 100 -14.78 16.31 3.35
CA LYS C 100 -14.21 17.62 3.64
C LYS C 100 -15.04 18.33 4.71
N VAL C 101 -14.38 18.77 5.78
CA VAL C 101 -15.00 19.59 6.81
C VAL C 101 -14.62 21.05 6.57
N GLU C 102 -15.62 21.92 6.46
CA GLU C 102 -15.37 23.31 6.07
C GLU C 102 -16.09 24.27 7.01
N ILE C 103 -15.76 25.56 6.84
CA ILE C 103 -16.26 26.65 7.66
C ILE C 103 -17.49 27.26 6.99
N LYS C 104 -18.57 27.36 7.76
CA LYS C 104 -19.78 28.06 7.36
C LYS C 104 -19.63 29.54 7.66
N ARG C 105 -19.87 30.39 6.65
CA ARG C 105 -19.88 31.84 6.86
C ARG C 105 -21.13 32.43 6.23
N THR C 106 -21.24 33.77 6.33
CA THR C 106 -22.40 34.47 5.77
C THR C 106 -22.45 34.31 4.25
N ASP C 107 -23.67 34.34 3.73
CA ASP C 107 -24.00 34.27 2.32
C ASP C 107 -23.49 35.47 1.52
N ALA C 108 -22.17 35.64 1.47
CA ALA C 108 -21.57 36.79 0.80
C ALA C 108 -21.73 36.68 -0.71
N ALA C 109 -22.18 37.75 -1.33
CA ALA C 109 -22.39 37.68 -2.76
C ALA C 109 -21.05 37.81 -3.48
N PRO C 110 -20.92 37.20 -4.65
CA PRO C 110 -19.66 37.32 -5.39
C PRO C 110 -19.51 38.73 -5.94
N THR C 111 -18.27 39.18 -6.06
CA THR C 111 -17.98 40.41 -6.79
C THR C 111 -17.52 40.08 -8.21
N VAL C 112 -18.45 39.48 -8.97
CA VAL C 112 -18.09 38.86 -10.24
C VAL C 112 -17.54 39.92 -11.17
N SER C 113 -16.49 39.58 -11.92
CA SER C 113 -15.93 40.53 -12.87
C SER C 113 -15.36 39.79 -14.07
N ILE C 114 -15.47 40.43 -15.24
CA ILE C 114 -15.08 39.79 -16.50
C ILE C 114 -14.04 40.64 -17.18
N PHE C 115 -13.12 39.97 -17.86
CA PHE C 115 -11.98 40.60 -18.50
C PHE C 115 -11.88 39.98 -19.89
N PRO C 116 -11.86 40.81 -20.94
CA PRO C 116 -11.69 40.31 -22.28
C PRO C 116 -10.26 39.81 -22.51
N PRO C 117 -10.05 39.04 -23.57
CA PRO C 117 -8.68 38.69 -24.00
C PRO C 117 -7.79 39.91 -24.17
N SER C 118 -6.54 39.76 -23.76
CA SER C 118 -5.54 40.78 -24.05
C SER C 118 -5.23 40.76 -25.55
N SER C 119 -4.78 41.91 -26.06
CA SER C 119 -4.36 41.98 -27.45
C SER C 119 -3.13 41.12 -27.72
N GLU C 120 -2.28 40.92 -26.72
CA GLU C 120 -1.09 40.09 -26.89
C GLU C 120 -1.44 38.65 -27.22
N GLN C 121 -2.44 38.10 -26.53
CA GLN C 121 -2.83 36.73 -26.85
C GLN C 121 -3.44 36.67 -28.25
N LEU C 122 -4.26 37.67 -28.62
CA LEU C 122 -4.83 37.61 -29.96
C LEU C 122 -3.71 37.60 -30.99
N THR C 123 -2.66 38.41 -30.74
CA THR C 123 -1.50 38.41 -31.62
C THR C 123 -0.80 37.06 -31.61
N SER C 124 -1.09 36.22 -30.62
CA SER C 124 -0.41 34.95 -30.52
C SER C 124 -1.21 33.81 -31.12
N GLY C 125 -2.43 34.08 -31.59
CA GLY C 125 -3.29 33.14 -32.26
C GLY C 125 -4.37 32.61 -31.37
N GLY C 126 -4.28 32.90 -30.07
CA GLY C 126 -5.20 32.41 -29.08
C GLY C 126 -6.04 33.56 -28.53
N ALA C 127 -7.12 33.20 -27.84
CA ALA C 127 -7.97 34.23 -27.26
C ALA C 127 -8.62 33.63 -26.01
N SER C 128 -8.11 34.01 -24.84
CA SER C 128 -8.70 33.56 -23.59
C SER C 128 -9.50 34.72 -23.01
N VAL C 129 -10.76 34.43 -22.67
CA VAL C 129 -11.64 35.36 -21.97
C VAL C 129 -11.77 34.86 -20.54
N VAL C 130 -11.57 35.74 -19.57
CA VAL C 130 -11.43 35.28 -18.18
C VAL C 130 -12.50 35.95 -17.33
N CYS C 131 -13.19 35.15 -16.52
CA CYS C 131 -14.18 35.63 -15.58
C CYS C 131 -13.75 35.16 -14.19
N PHE C 132 -13.65 36.11 -13.26
CA PHE C 132 -13.37 35.80 -11.87
C PHE C 132 -14.67 35.91 -11.08
N LEU C 133 -14.89 34.93 -10.22
CA LEU C 133 -16.01 34.89 -9.28
C LEU C 133 -15.40 34.92 -7.89
N ASN C 134 -15.41 36.09 -7.26
CA ASN C 134 -14.63 36.33 -6.06
C ASN C 134 -15.53 36.42 -4.84
N ASN C 135 -15.05 35.84 -3.73
CA ASN C 135 -15.61 36.04 -2.39
C ASN C 135 -17.07 35.59 -2.29
N PHE C 136 -17.32 34.32 -2.59
CA PHE C 136 -18.66 33.79 -2.42
C PHE C 136 -18.68 32.63 -1.44
N TYR C 137 -19.89 32.32 -0.93
CA TYR C 137 -20.17 31.23 -0.02
C TYR C 137 -21.68 31.03 -0.12
N PRO C 138 -22.19 29.78 -0.19
CA PRO C 138 -21.44 28.54 -0.08
C PRO C 138 -20.75 28.13 -1.35
N LYS C 139 -20.18 26.93 -1.34
CA LYS C 139 -19.27 26.57 -2.41
C LYS C 139 -20.01 26.38 -3.72
N ASP C 140 -21.22 25.82 -3.67
CA ASP C 140 -21.94 25.54 -4.90
C ASP C 140 -22.21 26.82 -5.67
N ILE C 141 -21.90 26.83 -6.96
CA ILE C 141 -22.10 28.00 -7.81
C ILE C 141 -22.12 27.53 -9.26
N ASN C 142 -22.86 28.26 -10.10
CA ASN C 142 -22.96 27.96 -11.51
C ASN C 142 -22.50 29.16 -12.34
N VAL C 143 -21.71 28.89 -13.36
CA VAL C 143 -21.22 29.92 -14.28
C VAL C 143 -21.64 29.50 -15.68
N LYS C 144 -22.12 30.47 -16.45
CA LYS C 144 -22.59 30.25 -17.81
C LYS C 144 -21.88 31.22 -18.73
N TRP C 145 -21.34 30.69 -19.81
CA TRP C 145 -20.68 31.48 -20.84
C TRP C 145 -21.65 31.68 -22.00
N LYS C 146 -21.68 32.89 -22.58
CA LYS C 146 -22.45 33.12 -23.79
C LYS C 146 -21.59 33.84 -24.82
N ILE C 147 -21.74 33.45 -26.10
CA ILE C 147 -21.02 34.10 -27.20
C ILE C 147 -22.01 34.56 -28.27
N ASP C 148 -22.08 35.88 -28.48
CA ASP C 148 -23.02 36.51 -29.42
C ASP C 148 -24.45 36.00 -29.27
N GLY C 149 -24.85 35.71 -28.05
CA GLY C 149 -26.21 35.31 -27.75
C GLY C 149 -26.45 33.81 -27.79
N SER C 150 -25.46 33.02 -28.20
CA SER C 150 -25.61 31.57 -28.32
C SER C 150 -24.85 30.96 -27.15
N GLU C 151 -25.51 30.08 -26.40
CA GLU C 151 -24.85 29.43 -25.28
C GLU C 151 -23.65 28.59 -25.71
N ARG C 152 -22.55 28.75 -25.00
CA ARG C 152 -21.32 28.02 -25.27
C ARG C 152 -20.93 27.23 -24.04
N GLN C 153 -20.79 25.92 -24.20
CA GLN C 153 -20.39 25.05 -23.12
C GLN C 153 -19.01 24.45 -23.38
N ASN C 154 -18.75 24.10 -24.63
CA ASN C 154 -17.47 23.52 -25.04
C ASN C 154 -16.32 24.53 -25.00
N GLY C 155 -15.17 24.09 -24.50
CA GLY C 155 -13.96 24.90 -24.42
C GLY C 155 -13.79 25.75 -23.18
N VAL C 156 -14.63 25.57 -22.18
CA VAL C 156 -14.56 26.33 -20.95
C VAL C 156 -13.91 25.46 -19.88
N LEU C 157 -12.91 25.98 -19.18
CA LEU C 157 -12.30 25.25 -18.07
C LEU C 157 -12.32 26.15 -16.84
N ASN C 158 -12.81 25.56 -15.75
CA ASN C 158 -13.06 26.20 -14.46
C ASN C 158 -12.22 25.59 -13.35
N SER C 159 -11.84 26.43 -12.37
CA SER C 159 -11.01 26.00 -11.24
C SER C 159 -11.46 26.71 -9.97
N TRP C 160 -11.74 25.92 -8.91
CA TRP C 160 -12.18 26.47 -7.64
C TRP C 160 -11.01 26.58 -6.67
N THR C 161 -10.92 27.69 -5.95
CA THR C 161 -10.04 27.83 -4.79
C THR C 161 -10.51 27.07 -3.55
N ASP C 162 -9.55 26.87 -2.64
CA ASP C 162 -9.78 26.52 -1.25
C ASP C 162 -10.35 27.71 -0.47
N GLN C 163 -10.83 27.43 0.75
CA GLN C 163 -11.37 28.48 1.60
C GLN C 163 -10.32 29.51 2.00
N ASP C 164 -10.65 30.80 1.87
CA ASP C 164 -9.69 31.84 2.17
C ASP C 164 -9.41 31.86 3.68
N SER C 165 -8.14 31.88 4.06
CA SER C 165 -7.78 31.77 5.48
C SER C 165 -8.14 33.01 6.30
N LYS C 166 -8.34 34.16 5.67
CA LYS C 166 -8.61 35.39 6.40
C LYS C 166 -10.09 35.78 6.46
N ASP C 167 -10.83 35.63 5.36
CA ASP C 167 -12.23 36.04 5.35
C ASP C 167 -13.19 34.88 5.13
N SER C 168 -12.68 33.66 5.00
CA SER C 168 -13.45 32.43 4.94
C SER C 168 -14.34 32.30 3.70
N THR C 169 -14.06 33.05 2.64
CA THR C 169 -14.81 32.91 1.40
C THR C 169 -14.13 31.95 0.44
N TYR C 170 -14.86 31.60 -0.62
CA TYR C 170 -14.28 30.89 -1.75
C TYR C 170 -14.22 31.82 -2.96
N SER C 171 -13.33 31.48 -3.89
CA SER C 171 -13.24 32.13 -5.20
C SER C 171 -13.06 31.07 -6.28
N MET C 172 -13.41 31.44 -7.52
CA MET C 172 -13.37 30.53 -8.66
C MET C 172 -12.93 31.32 -9.88
N SER C 173 -12.13 30.68 -10.73
CA SER C 173 -11.78 31.19 -12.05
C SER C 173 -12.48 30.41 -13.16
N SER C 174 -12.84 31.14 -14.22
CA SER C 174 -13.42 30.61 -15.45
C SER C 174 -12.67 31.17 -16.65
N THR C 175 -12.10 30.30 -17.48
CA THR C 175 -11.27 30.73 -18.59
C THR C 175 -11.84 30.19 -19.91
N LEU C 176 -12.18 31.09 -20.84
CA LEU C 176 -12.64 30.66 -22.16
C LEU C 176 -11.54 30.85 -23.19
N THR C 177 -11.01 29.75 -23.72
CA THR C 177 -9.90 29.79 -24.67
C THR C 177 -10.39 29.36 -26.05
N LEU C 178 -10.23 30.21 -27.05
CA LEU C 178 -10.56 29.87 -28.41
C LEU C 178 -9.35 30.09 -29.29
N THR C 179 -9.42 29.62 -30.54
CA THR C 179 -8.49 30.05 -31.55
C THR C 179 -8.84 31.47 -31.99
N LYS C 180 -7.86 32.17 -32.55
CA LYS C 180 -8.12 33.49 -33.10
C LYS C 180 -9.14 33.44 -34.22
N ASP C 181 -9.04 32.43 -35.10
CA ASP C 181 -9.99 32.33 -36.20
C ASP C 181 -11.45 32.26 -35.76
N GLU C 182 -11.76 31.40 -34.79
CA GLU C 182 -13.15 31.31 -34.37
C GLU C 182 -13.59 32.49 -33.48
N TYR C 183 -12.70 32.91 -32.58
CA TYR C 183 -12.96 34.00 -31.64
C TYR C 183 -13.34 35.31 -32.34
N GLU C 184 -12.64 35.64 -33.43
CA GLU C 184 -12.81 36.91 -34.15
C GLU C 184 -14.04 36.94 -35.06
N ARG C 185 -14.90 35.92 -35.01
CA ARG C 185 -16.13 35.98 -35.77
C ARG C 185 -17.26 36.62 -34.96
N HIS C 186 -17.42 36.24 -33.71
CA HIS C 186 -18.53 36.73 -32.90
C HIS C 186 -18.11 37.97 -32.13
N ASN C 187 -19.12 38.73 -31.68
CA ASN C 187 -18.91 40.03 -31.05
C ASN C 187 -19.15 40.07 -29.54
N SER C 188 -20.31 39.64 -29.06
CA SER C 188 -20.66 39.79 -27.65
C SER C 188 -20.30 38.55 -26.86
N TYR C 189 -19.54 38.76 -25.78
CA TYR C 189 -19.16 37.72 -24.82
C TYR C 189 -19.67 38.10 -23.45
N THR C 190 -20.34 37.14 -22.78
CA THR C 190 -21.03 37.39 -21.53
C THR C 190 -20.71 36.28 -20.52
N CYS C 191 -20.44 36.69 -19.28
CA CYS C 191 -20.27 35.80 -18.13
C CYS C 191 -21.42 36.00 -17.16
N GLU C 192 -22.14 34.91 -16.86
CA GLU C 192 -23.29 34.93 -15.97
C GLU C 192 -23.01 34.03 -14.76
N ALA C 193 -23.05 34.63 -13.58
CA ALA C 193 -22.80 33.95 -12.30
C ALA C 193 -24.10 33.79 -11.54
N THR C 194 -24.43 32.58 -11.07
CA THR C 194 -25.61 32.45 -10.25
C THR C 194 -25.30 32.04 -8.81
N HIS C 195 -25.81 32.85 -7.87
CA HIS C 195 -25.61 32.77 -6.43
C HIS C 195 -26.95 33.09 -5.78
N LYS C 196 -27.20 32.55 -4.59
CA LYS C 196 -28.51 32.73 -3.98
C LYS C 196 -28.91 34.18 -3.77
N THR C 197 -27.99 35.14 -3.86
CA THR C 197 -28.35 36.55 -3.66
C THR C 197 -29.19 36.98 -4.87
N SER C 198 -28.52 37.12 -6.01
CA SER C 198 -29.17 37.49 -7.26
C SER C 198 -29.74 36.22 -7.89
N THR C 199 -31.05 36.03 -7.70
CA THR C 199 -31.85 34.98 -8.32
C THR C 199 -31.40 34.59 -9.71
N SER C 200 -31.44 35.55 -10.57
CA SER C 200 -31.06 35.49 -11.95
C SER C 200 -29.60 35.92 -12.01
N PRO C 201 -28.76 35.14 -12.68
CA PRO C 201 -27.34 35.51 -12.83
C PRO C 201 -26.98 36.99 -12.87
N ILE C 202 -25.75 37.21 -12.42
CA ILE C 202 -25.04 38.48 -12.54
C ILE C 202 -24.33 38.42 -13.88
N VAL C 203 -24.59 39.43 -14.71
CA VAL C 203 -24.17 39.44 -16.09
C VAL C 203 -23.13 40.52 -16.26
N LYS C 204 -21.99 40.12 -16.83
CA LYS C 204 -20.96 41.04 -17.25
C LYS C 204 -20.68 40.73 -18.70
N SER C 205 -20.42 41.75 -19.51
CA SER C 205 -20.34 41.51 -20.94
C SER C 205 -19.35 42.48 -21.56
N PHE C 206 -18.90 42.13 -22.76
CA PHE C 206 -18.20 43.08 -23.61
C PHE C 206 -18.44 42.72 -25.07
N ASN C 207 -18.25 43.71 -25.93
CA ASN C 207 -18.41 43.52 -27.37
C ASN C 207 -17.07 43.65 -28.09
#